data_3DQQ
#
_entry.id   3DQQ
#
_cell.length_a   254.541
_cell.length_b   254.541
_cell.length_c   94.459
_cell.angle_alpha   90.00
_cell.angle_beta   90.00
_cell.angle_gamma   120.00
#
_symmetry.space_group_name_H-M   'P 64 2 2'
#
loop_
_entity.id
_entity.type
_entity.pdbx_description
1 polymer 'Putative tRNA synthase'
2 water water
#
_entity_poly.entity_id   1
_entity_poly.type   'polypeptide(L)'
_entity_poly.pdbx_seq_one_letter_code
;GMLKIGVIADDFTGATDIASFLVENGMPTVQINDVPTGTQPEGCDAVVISLKTRSCPAQEAIKQSLAALVWLKKQGCQQV
YFKYCSTFDSTAEGNIGPVTDALMVALDTSFTVISPALPVNGRTVYQGYLFVMNHLLAESGMRHHPINPMTDSYLPRLME
AQAQGRCGVIPAQTLDEGVAATRAALSRLQQEGYRYAVLDALNERHLEIQGEVLRDAPLVTGGSGLAMGLARQWAKHGVS
QARSAGYPLSGRAVVLSGSCSQMTNQQVAFYRQHAPTRDVDVARCLSSETREAYAEALAQWVLSQDSELAPMISATASTQ
ALAAIQQQYGATEASHAVEALFSLLAARLAEGGITRFIVAGGETSGVVTQSLGITGFHIGPCISPGVPWVNALHAPVSLA
LKSGNFGDESFFIRAQREFQV
;
_entity_poly.pdbx_strand_id   A,B
#
# COMPACT_ATOMS: atom_id res chain seq x y z
N GLY A 1 33.95 -0.47 -24.92
CA GLY A 1 33.48 -1.23 -23.71
C GLY A 1 31.95 -1.11 -23.68
N MET A 2 31.28 -2.11 -23.08
CA MET A 2 29.82 -2.17 -23.13
C MET A 2 29.25 -1.41 -21.96
N LEU A 3 28.41 -0.43 -22.17
CA LEU A 3 27.81 0.32 -21.08
C LEU A 3 26.31 -0.01 -20.97
N LYS A 4 25.94 -0.86 -20.03
CA LYS A 4 24.59 -1.38 -19.98
C LYS A 4 23.56 -0.41 -19.39
N ILE A 5 23.87 0.16 -18.23
CA ILE A 5 22.99 1.09 -17.57
C ILE A 5 23.80 2.35 -17.35
N GLY A 6 23.19 3.50 -17.67
CA GLY A 6 23.77 4.82 -17.41
C GLY A 6 22.82 5.53 -16.47
N VAL A 7 23.26 5.77 -15.24
CA VAL A 7 22.39 6.39 -14.28
C VAL A 7 22.65 7.88 -14.26
N ILE A 8 21.62 8.70 -14.36
CA ILE A 8 21.78 10.14 -14.06
C ILE A 8 21.11 10.35 -12.71
N ALA A 9 21.90 10.70 -11.69
CA ALA A 9 21.43 10.76 -10.27
C ALA A 9 21.42 12.22 -9.80
N ASP A 10 20.37 12.62 -9.08
CA ASP A 10 20.16 14.00 -8.71
C ASP A 10 20.92 14.49 -7.48
N ASP A 11 21.84 13.67 -6.98
CA ASP A 11 22.64 14.05 -5.82
C ASP A 11 23.78 13.08 -5.61
N PHE A 12 24.63 13.37 -4.64
CA PHE A 12 25.84 12.62 -4.46
C PHE A 12 25.63 11.39 -3.59
N THR A 13 25.05 11.52 -2.43
CA THR A 13 24.81 10.35 -1.60
C THR A 13 23.96 9.26 -2.27
N GLY A 14 22.91 9.66 -2.99
CA GLY A 14 22.14 8.73 -3.76
C GLY A 14 22.85 8.20 -4.97
N ALA A 15 23.73 8.97 -5.62
CA ALA A 15 24.52 8.42 -6.70
C ALA A 15 25.28 7.26 -6.12
N THR A 16 25.93 7.44 -4.98
CA THR A 16 26.74 6.35 -4.50
C THR A 16 25.90 5.21 -3.91
N ASP A 17 24.71 5.49 -3.42
CA ASP A 17 23.79 4.44 -2.96
C ASP A 17 23.37 3.53 -4.12
N ILE A 18 22.92 4.10 -5.23
CA ILE A 18 22.55 3.28 -6.35
C ILE A 18 23.77 2.53 -6.89
N ALA A 19 24.93 3.18 -6.98
CA ALA A 19 26.12 2.50 -7.48
C ALA A 19 26.48 1.31 -6.62
N SER A 20 26.22 1.44 -5.34
CA SER A 20 26.56 0.37 -4.48
C SER A 20 25.63 -0.80 -4.70
N PHE A 21 24.35 -0.55 -4.91
CA PHE A 21 23.41 -1.63 -5.20
C PHE A 21 23.78 -2.34 -6.47
N LEU A 22 24.24 -1.61 -7.49
CA LEU A 22 24.63 -2.30 -8.73
C LEU A 22 25.82 -3.24 -8.46
N VAL A 23 26.81 -2.74 -7.72
CA VAL A 23 27.98 -3.57 -7.44
C VAL A 23 27.63 -4.74 -6.55
N GLU A 24 26.84 -4.51 -5.53
CA GLU A 24 26.41 -5.62 -4.64
C GLU A 24 25.59 -6.66 -5.37
N ASN A 25 25.06 -6.34 -6.53
CA ASN A 25 24.29 -7.31 -7.26
C ASN A 25 24.93 -7.65 -8.58
N GLY A 26 26.25 -7.45 -8.67
CA GLY A 26 27.09 -8.04 -9.73
C GLY A 26 27.50 -7.18 -10.90
N MET A 27 27.18 -5.89 -10.88
CA MET A 27 27.49 -5.03 -12.01
C MET A 27 28.56 -4.02 -11.53
N PRO A 28 29.80 -4.20 -12.00
CA PRO A 28 30.90 -3.27 -11.80
C PRO A 28 30.52 -1.88 -12.24
N THR A 29 30.83 -0.88 -11.44
CA THR A 29 30.26 0.44 -11.63
C THR A 29 31.25 1.53 -11.25
N VAL A 30 31.43 2.52 -12.10
CA VAL A 30 32.18 3.71 -11.78
C VAL A 30 31.17 4.83 -11.51
N GLN A 31 31.39 5.66 -10.50
CA GLN A 31 30.64 6.89 -10.34
C GLN A 31 31.50 8.02 -10.80
N ILE A 32 30.95 8.92 -11.62
CA ILE A 32 31.67 10.14 -12.03
C ILE A 32 30.89 11.32 -11.50
N ASN A 33 31.56 12.29 -10.88
CA ASN A 33 30.85 13.48 -10.35
C ASN A 33 30.88 14.62 -11.32
N ASP A 34 29.72 15.21 -11.56
CA ASP A 34 29.48 16.17 -12.62
C ASP A 34 29.51 15.51 -13.98
N VAL A 35 29.01 16.20 -15.00
CA VAL A 35 28.99 15.68 -16.34
C VAL A 35 30.37 15.26 -16.77
N PRO A 36 30.52 14.03 -17.21
CA PRO A 36 31.85 13.59 -17.58
C PRO A 36 32.46 14.31 -18.74
N THR A 37 33.76 14.44 -18.69
CA THR A 37 34.48 15.19 -19.70
C THR A 37 35.33 14.18 -20.44
N GLY A 38 35.57 13.02 -19.85
CA GLY A 38 36.49 12.08 -20.46
C GLY A 38 35.83 11.11 -21.41
N THR A 39 36.21 9.87 -21.24
CA THR A 39 35.91 8.77 -22.12
C THR A 39 35.41 7.65 -21.22
N GLN A 40 34.64 6.69 -21.71
CA GLN A 40 34.07 5.75 -20.74
C GLN A 40 35.20 5.09 -19.98
N PRO A 41 35.17 5.12 -18.66
CA PRO A 41 36.20 4.44 -17.92
C PRO A 41 36.24 2.98 -18.20
N GLU A 42 37.42 2.40 -18.00
CA GLU A 42 37.58 0.97 -18.07
C GLU A 42 37.00 0.30 -16.85
N GLY A 43 36.82 -1.00 -16.96
CA GLY A 43 36.51 -1.85 -15.84
C GLY A 43 35.13 -1.77 -15.22
N CYS A 44 34.13 -1.25 -15.96
CA CYS A 44 32.75 -1.24 -15.46
C CYS A 44 31.65 -1.42 -16.50
N ASP A 45 30.48 -1.89 -16.06
CA ASP A 45 29.34 -2.08 -16.94
C ASP A 45 28.28 -1.04 -16.76
N ALA A 46 28.32 -0.31 -15.66
CA ALA A 46 27.40 0.78 -15.37
C ALA A 46 28.24 2.02 -15.05
N VAL A 47 27.74 3.20 -15.43
CA VAL A 47 28.28 4.44 -14.97
C VAL A 47 27.19 5.24 -14.28
N VAL A 48 27.45 5.74 -13.08
CA VAL A 48 26.49 6.57 -12.39
C VAL A 48 27.04 7.98 -12.42
N ILE A 49 26.38 8.90 -13.12
CA ILE A 49 26.76 10.30 -13.14
C ILE A 49 26.01 11.03 -12.03
N SER A 50 26.76 11.67 -11.14
CA SER A 50 26.20 12.45 -10.02
C SER A 50 26.10 13.95 -10.29
N LEU A 51 24.92 14.51 -10.21
CA LEU A 51 24.66 15.92 -10.44
C LEU A 51 24.10 16.57 -9.18
N LYS A 52 24.14 17.89 -9.11
CA LYS A 52 23.46 18.63 -8.02
C LYS A 52 22.17 19.26 -8.53
N THR A 53 21.22 18.41 -8.86
CA THR A 53 20.08 18.84 -9.56
C THR A 53 18.77 18.54 -8.79
N ARG A 54 18.84 18.05 -7.57
CA ARG A 54 17.62 17.84 -6.82
C ARG A 54 16.81 19.11 -6.54
N SER A 55 17.46 20.21 -6.15
CA SER A 55 16.78 21.47 -5.77
C SER A 55 17.08 22.73 -6.54
N CYS A 56 18.04 22.72 -7.44
CA CYS A 56 18.30 23.89 -8.23
C CYS A 56 17.11 24.17 -9.19
N PRO A 57 17.12 25.31 -9.88
CA PRO A 57 16.05 25.57 -10.84
C PRO A 57 15.93 24.47 -11.90
N ALA A 58 14.70 24.27 -12.38
CA ALA A 58 14.37 23.25 -13.32
C ALA A 58 15.26 23.33 -14.53
N GLN A 59 15.46 24.55 -15.02
CA GLN A 59 16.27 24.70 -16.24
C GLN A 59 17.71 24.23 -16.09
N GLU A 60 18.29 24.43 -14.92
CA GLU A 60 19.65 24.00 -14.69
C GLU A 60 19.63 22.48 -14.62
N ALA A 61 18.55 21.93 -14.05
CA ALA A 61 18.47 20.49 -13.87
C ALA A 61 18.32 19.81 -15.24
N ILE A 62 17.46 20.37 -16.10
CA ILE A 62 17.30 19.88 -17.44
C ILE A 62 18.63 19.96 -18.19
N LYS A 63 19.32 21.10 -18.14
CA LYS A 63 20.53 21.25 -18.93
C LYS A 63 21.64 20.29 -18.51
N GLN A 64 21.90 20.21 -17.20
CA GLN A 64 22.85 19.25 -16.66
C GLN A 64 22.47 17.84 -17.03
N SER A 65 21.18 17.49 -16.92
CA SER A 65 20.78 16.11 -17.20
C SER A 65 20.95 15.72 -18.67
N LEU A 66 20.54 16.62 -19.57
CA LEU A 66 20.75 16.42 -21.01
C LEU A 66 22.24 16.34 -21.36
N ALA A 67 23.09 17.16 -20.73
CA ALA A 67 24.53 17.07 -20.97
C ALA A 67 25.01 15.66 -20.58
N ALA A 68 24.53 15.16 -19.43
CA ALA A 68 24.89 13.82 -18.98
C ALA A 68 24.45 12.81 -20.02
N LEU A 69 23.24 12.97 -20.54
CA LEU A 69 22.69 12.03 -21.52
C LEU A 69 23.49 12.05 -22.83
N VAL A 70 23.92 13.23 -23.27
CA VAL A 70 24.72 13.33 -24.49
C VAL A 70 25.97 12.53 -24.32
N TRP A 71 26.57 12.60 -23.16
CA TRP A 71 27.74 11.80 -22.92
C TRP A 71 27.47 10.30 -22.89
N LEU A 72 26.45 9.87 -22.15
CA LEU A 72 26.12 8.46 -22.07
C LEU A 72 25.84 7.91 -23.46
N LYS A 73 25.12 8.66 -24.28
CA LYS A 73 24.81 8.21 -25.63
C LYS A 73 26.09 8.06 -26.46
N LYS A 74 27.00 8.99 -26.30
CA LYS A 74 28.29 8.89 -26.96
C LYS A 74 29.05 7.63 -26.56
N GLN A 75 28.91 7.15 -25.33
CA GLN A 75 29.60 5.93 -24.95
C GLN A 75 28.82 4.69 -25.33
N GLY A 76 27.62 4.83 -25.92
CA GLY A 76 26.85 3.66 -26.33
C GLY A 76 25.94 3.07 -25.27
N CYS A 77 25.63 3.85 -24.29
CA CYS A 77 24.66 3.46 -23.29
C CYS A 77 23.39 2.75 -23.78
N GLN A 78 23.11 1.60 -23.20
CA GLN A 78 21.97 0.78 -23.64
C GLN A 78 20.70 1.12 -22.93
N GLN A 79 20.77 1.52 -21.66
CA GLN A 79 19.61 1.92 -20.89
C GLN A 79 19.91 3.11 -20.02
N VAL A 80 18.99 4.06 -19.87
CA VAL A 80 19.25 5.22 -19.07
C VAL A 80 18.33 5.15 -17.89
N TYR A 81 18.83 5.57 -16.75
CA TYR A 81 18.12 5.45 -15.49
C TYR A 81 18.22 6.72 -14.75
N PHE A 82 17.09 7.37 -14.55
CA PHE A 82 17.06 8.62 -13.83
C PHE A 82 16.82 8.29 -12.39
N LYS A 83 17.79 8.60 -11.56
CA LYS A 83 17.79 8.24 -10.15
C LYS A 83 17.48 9.47 -9.34
N TYR A 84 16.40 9.41 -8.59
CA TYR A 84 16.05 10.48 -7.69
C TYR A 84 15.82 9.84 -6.36
N CYS A 85 15.37 10.64 -5.44
CA CYS A 85 15.16 10.18 -4.12
C CYS A 85 13.95 9.27 -3.88
N SER A 86 14.15 8.32 -3.01
CA SER A 86 13.13 7.37 -2.68
C SER A 86 11.85 7.92 -2.05
N THR A 87 11.97 9.08 -1.41
CA THR A 87 10.81 9.79 -0.90
C THR A 87 10.35 10.90 -1.90
N PHE A 88 10.78 10.81 -3.15
CA PHE A 88 10.24 11.60 -4.28
C PHE A 88 10.44 13.09 -4.10
N ASP A 89 11.57 13.41 -3.49
CA ASP A 89 11.86 14.75 -3.05
C ASP A 89 11.82 15.65 -4.27
N SER A 90 10.88 16.60 -4.23
CA SER A 90 10.62 17.53 -5.33
C SER A 90 9.56 18.50 -4.86
N THR A 91 9.21 19.46 -5.70
CA THR A 91 8.09 20.34 -5.41
C THR A 91 7.28 20.38 -6.69
N ALA A 92 6.24 21.21 -6.74
CA ALA A 92 5.45 21.35 -7.98
C ALA A 92 6.31 22.01 -9.05
N GLU A 93 7.48 22.51 -8.69
CA GLU A 93 8.30 23.11 -9.72
C GLU A 93 9.41 22.26 -10.25
N GLY A 94 9.51 21.02 -9.76
CA GLY A 94 10.52 20.13 -10.19
C GLY A 94 11.25 19.55 -9.03
N ASN A 95 12.26 18.73 -9.29
CA ASN A 95 12.84 18.60 -10.65
C ASN A 95 12.60 17.24 -11.35
N ILE A 96 11.89 16.32 -10.69
CA ILE A 96 11.60 15.03 -11.28
C ILE A 96 10.79 15.07 -12.55
N GLY A 97 9.72 15.83 -12.59
CA GLY A 97 8.88 15.92 -13.79
C GLY A 97 9.61 16.57 -14.95
N PRO A 98 10.15 17.77 -14.73
CA PRO A 98 10.87 18.46 -15.81
C PRO A 98 12.04 17.68 -16.39
N VAL A 99 12.81 17.02 -15.56
CA VAL A 99 13.93 16.20 -16.09
C VAL A 99 13.43 14.95 -16.82
N THR A 100 12.43 14.27 -16.27
CA THR A 100 11.87 13.11 -16.94
C THR A 100 11.35 13.44 -18.32
N ASP A 101 10.49 14.45 -18.43
CA ASP A 101 9.97 14.81 -19.72
C ASP A 101 11.07 15.19 -20.70
N ALA A 102 12.14 15.78 -20.19
CA ALA A 102 13.20 16.20 -21.10
C ALA A 102 13.91 14.95 -21.62
N LEU A 103 14.21 14.02 -20.73
CA LEU A 103 14.94 12.81 -21.14
C LEU A 103 14.08 12.05 -22.12
N MET A 104 12.78 11.98 -21.88
CA MET A 104 11.91 11.24 -22.77
C MET A 104 11.98 11.84 -24.15
N VAL A 105 11.95 13.15 -24.23
CA VAL A 105 12.00 13.79 -25.55
C VAL A 105 13.35 13.54 -26.20
N ALA A 106 14.47 13.68 -25.49
CA ALA A 106 15.81 13.41 -26.08
C ALA A 106 15.94 11.95 -26.51
N LEU A 107 15.26 11.00 -25.86
CA LEU A 107 15.39 9.59 -26.21
C LEU A 107 14.27 9.16 -27.16
N ASP A 108 13.52 10.13 -27.64
CA ASP A 108 12.35 9.89 -28.44
C ASP A 108 11.49 8.72 -27.91
N THR A 109 11.13 8.76 -26.63
CA THR A 109 10.25 7.79 -26.03
C THR A 109 8.97 8.46 -25.46
N SER A 110 7.85 7.75 -25.48
CA SER A 110 6.53 8.27 -25.01
C SER A 110 5.96 7.72 -23.73
N PHE A 111 6.65 6.77 -23.09
CA PHE A 111 6.16 6.13 -21.91
C PHE A 111 7.30 5.74 -21.01
N THR A 112 7.24 6.00 -19.70
CA THR A 112 8.32 5.60 -18.77
C THR A 112 7.77 5.22 -17.46
N VAL A 113 8.57 4.53 -16.65
CA VAL A 113 8.10 4.12 -15.35
C VAL A 113 8.70 4.97 -14.29
N ILE A 114 8.02 4.97 -13.14
CA ILE A 114 8.44 5.69 -11.95
C ILE A 114 8.44 4.67 -10.85
N SER A 115 9.60 4.34 -10.27
CA SER A 115 9.70 3.31 -9.23
C SER A 115 10.57 3.72 -8.03
N PRO A 116 10.01 4.47 -7.10
CA PRO A 116 10.78 4.94 -5.92
C PRO A 116 11.08 3.91 -4.84
N ALA A 117 10.30 2.86 -4.73
CA ALA A 117 10.41 1.98 -3.57
C ALA A 117 11.81 1.51 -3.31
N LEU A 118 12.16 1.42 -2.04
CA LEU A 118 13.27 0.63 -1.55
C LEU A 118 12.86 -0.04 -0.18
N PRO A 119 12.09 -1.13 -0.25
CA PRO A 119 11.55 -1.78 0.95
C PRO A 119 12.54 -2.04 2.10
N VAL A 120 13.74 -2.44 1.78
CA VAL A 120 14.73 -2.67 2.79
C VAL A 120 14.95 -1.41 3.64
N ASN A 121 14.77 -0.22 3.08
CA ASN A 121 14.85 1.00 3.91
C ASN A 121 13.49 1.56 4.25
N GLY A 122 12.44 0.76 4.15
CA GLY A 122 11.12 1.21 4.54
C GLY A 122 10.42 2.16 3.61
N ARG A 123 10.72 2.10 2.33
CA ARG A 123 9.91 2.80 1.37
C ARG A 123 9.18 1.82 0.53
N THR A 124 7.86 1.88 0.60
CA THR A 124 7.08 0.96 -0.19
C THR A 124 6.04 1.75 -0.93
N VAL A 125 5.50 1.18 -1.98
CA VAL A 125 4.49 1.85 -2.74
C VAL A 125 3.34 0.86 -2.95
N TYR A 126 2.11 1.28 -2.63
CA TYR A 126 0.91 0.45 -2.82
C TYR A 126 -0.20 1.28 -3.44
N GLN A 127 -0.80 0.77 -4.51
CA GLN A 127 -1.76 1.52 -5.33
C GLN A 127 -1.30 2.90 -5.78
N GLY A 128 0.02 3.08 -5.81
CA GLY A 128 0.59 4.37 -6.18
C GLY A 128 0.88 5.33 -5.07
N TYR A 129 0.56 4.94 -3.84
CA TYR A 129 0.82 5.79 -2.69
C TYR A 129 2.14 5.39 -2.07
N LEU A 130 2.93 6.38 -1.66
CA LEU A 130 4.24 6.13 -1.14
C LEU A 130 4.17 6.10 0.37
N PHE A 131 4.78 5.08 0.96
CA PHE A 131 4.85 4.88 2.37
C PHE A 131 6.25 4.94 2.92
N VAL A 132 6.42 5.71 3.97
CA VAL A 132 7.66 5.77 4.70
C VAL A 132 7.46 5.06 5.99
N MET A 133 8.02 3.87 6.10
CA MET A 133 7.79 3.01 7.22
C MET A 133 6.35 2.61 7.28
N ASN A 134 5.71 2.87 8.39
CA ASN A 134 4.36 2.45 8.56
C ASN A 134 3.31 3.49 8.28
N HIS A 135 3.71 4.60 7.72
CA HIS A 135 2.80 5.68 7.43
C HIS A 135 2.97 6.19 6.01
N LEU A 136 1.89 6.74 5.46
CA LEU A 136 1.94 7.53 4.22
C LEU A 136 2.99 8.64 4.29
N LEU A 137 3.68 8.87 3.18
CA LEU A 137 4.61 10.00 3.03
C LEU A 137 4.19 11.22 3.80
N ALA A 138 2.96 11.66 3.59
CA ALA A 138 2.55 12.94 4.08
C ALA A 138 2.25 12.89 5.58
N GLU A 139 2.26 11.71 6.18
CA GLU A 139 2.09 11.60 7.62
C GLU A 139 3.38 11.13 8.28
N SER A 140 4.49 11.35 7.62
CA SER A 140 5.83 10.98 8.13
C SER A 140 6.62 12.22 8.31
N GLY A 141 7.87 12.06 8.73
CA GLY A 141 8.79 13.22 8.89
C GLY A 141 8.86 14.16 7.65
N MET A 142 8.84 13.53 6.48
CA MET A 142 8.89 14.23 5.19
C MET A 142 7.92 15.37 5.08
N ARG A 143 6.89 15.35 5.88
CA ARG A 143 5.86 16.36 5.82
C ARG A 143 6.36 17.76 6.13
N HIS A 144 7.39 17.87 6.96
CA HIS A 144 7.98 19.17 7.25
C HIS A 144 9.42 19.27 6.78
N HIS A 145 9.81 18.43 5.83
CA HIS A 145 11.13 18.55 5.21
C HIS A 145 11.45 20.03 4.93
N PRO A 146 12.65 20.45 5.35
CA PRO A 146 13.15 21.82 5.20
C PRO A 146 13.09 22.37 3.79
N ILE A 147 13.45 21.55 2.79
CA ILE A 147 13.58 22.04 1.40
C ILE A 147 12.36 21.69 0.56
N ASN A 148 11.94 20.42 0.67
CA ASN A 148 10.80 19.93 -0.10
C ASN A 148 9.82 19.15 0.76
N PRO A 149 9.01 19.88 1.54
CA PRO A 149 8.02 19.26 2.42
C PRO A 149 6.98 18.55 1.55
N MET A 150 6.61 17.34 1.92
CA MET A 150 5.76 16.51 1.10
C MET A 150 4.42 16.33 1.82
N THR A 151 3.39 17.00 1.34
CA THR A 151 2.09 16.97 1.99
C THR A 151 1.03 16.16 1.21
N ASP A 152 1.44 15.30 0.29
CA ASP A 152 0.54 14.42 -0.46
C ASP A 152 1.36 13.15 -0.74
N SER A 153 0.74 11.98 -0.68
CA SER A 153 1.41 10.72 -0.74
C SER A 153 1.14 10.00 -2.04
N TYR A 154 0.28 10.56 -2.90
CA TYR A 154 -0.14 9.86 -4.11
C TYR A 154 0.76 10.24 -5.31
N LEU A 155 1.60 9.30 -5.73
CA LEU A 155 2.69 9.62 -6.61
C LEU A 155 2.21 10.18 -7.94
N PRO A 156 1.17 9.62 -8.52
CA PRO A 156 0.67 10.19 -9.75
C PRO A 156 0.23 11.66 -9.66
N ARG A 157 -0.34 12.07 -8.52
CA ARG A 157 -0.63 13.50 -8.32
C ARG A 157 0.64 14.28 -8.15
N LEU A 158 1.56 13.80 -7.33
CA LEU A 158 2.84 14.47 -7.14
C LEU A 158 3.53 14.65 -8.46
N MET A 159 3.43 13.62 -9.33
CA MET A 159 4.08 13.69 -10.64
C MET A 159 3.38 14.62 -11.62
N GLU A 160 2.07 14.50 -11.70
CA GLU A 160 1.31 15.35 -12.61
C GLU A 160 1.43 16.84 -12.29
N ALA A 161 1.63 17.23 -11.03
CA ALA A 161 1.71 18.67 -10.70
C ALA A 161 2.97 19.28 -11.33
N GLN A 162 3.93 18.41 -11.61
CA GLN A 162 5.30 18.69 -11.87
C GLN A 162 5.68 18.39 -13.32
N ALA A 163 4.80 17.71 -14.05
CA ALA A 163 5.12 17.12 -15.33
C ALA A 163 4.00 17.42 -16.32
N GLN A 164 4.27 17.18 -17.59
CA GLN A 164 3.28 17.43 -18.62
C GLN A 164 2.21 16.40 -18.85
N GLY A 165 2.44 15.13 -18.57
CA GLY A 165 1.47 14.12 -18.99
C GLY A 165 0.67 13.51 -17.85
N ARG A 166 -0.06 12.47 -18.22
CA ARG A 166 -0.86 11.70 -17.28
C ARG A 166 -0.10 10.51 -16.80
N CYS A 167 -0.31 10.21 -15.54
CA CYS A 167 0.43 9.19 -14.83
C CYS A 167 -0.45 8.07 -14.29
N GLY A 168 -0.11 6.82 -14.57
CA GLY A 168 -0.90 5.65 -14.19
C GLY A 168 -0.27 4.89 -13.05
N VAL A 169 -0.78 3.71 -12.73
CA VAL A 169 -0.31 2.88 -11.63
C VAL A 169 -0.31 1.40 -12.03
N ILE A 170 0.72 0.64 -11.69
CA ILE A 170 0.69 -0.82 -11.77
C ILE A 170 0.68 -1.29 -10.33
N PRO A 171 -0.43 -1.85 -9.87
CA PRO A 171 -0.48 -2.30 -8.47
C PRO A 171 0.24 -3.61 -8.15
N ALA A 172 0.64 -3.75 -6.90
CA ALA A 172 1.27 -4.97 -6.36
C ALA A 172 0.63 -6.25 -6.88
N GLN A 173 -0.69 -6.30 -6.82
CA GLN A 173 -1.39 -7.49 -7.30
C GLN A 173 -1.05 -7.89 -8.74
N THR A 174 -0.81 -6.93 -9.64
CA THR A 174 -0.43 -7.30 -11.01
C THR A 174 0.98 -7.91 -11.04
N LEU A 175 1.89 -7.27 -10.35
CA LEU A 175 3.24 -7.79 -10.22
C LEU A 175 3.15 -9.23 -9.72
N ASP A 176 2.24 -9.47 -8.78
CA ASP A 176 2.05 -10.80 -8.23
C ASP A 176 1.51 -11.77 -9.26
N GLU A 177 0.80 -11.29 -10.26
CA GLU A 177 0.46 -12.15 -11.37
C GLU A 177 1.65 -12.43 -12.31
N GLY A 178 2.70 -11.64 -12.25
CA GLY A 178 3.87 -11.94 -13.04
C GLY A 178 4.16 -11.06 -14.25
N VAL A 179 5.23 -11.49 -14.94
CA VAL A 179 5.84 -10.75 -16.01
C VAL A 179 4.84 -10.46 -17.10
N ALA A 180 4.17 -11.49 -17.59
CA ALA A 180 3.27 -11.32 -18.73
C ALA A 180 2.15 -10.35 -18.40
N ALA A 181 1.59 -10.50 -17.20
CA ALA A 181 0.51 -9.64 -16.69
C ALA A 181 1.00 -8.21 -16.54
N THR A 182 2.20 -8.05 -15.99
CA THR A 182 2.71 -6.71 -15.75
C THR A 182 3.00 -6.02 -17.06
N ARG A 183 3.52 -6.76 -18.02
CA ARG A 183 3.85 -6.18 -19.32
C ARG A 183 2.57 -5.86 -20.10
N ALA A 184 1.53 -6.60 -19.86
CA ALA A 184 0.28 -6.33 -20.52
C ALA A 184 -0.30 -5.03 -19.95
N ALA A 185 -0.27 -4.88 -18.63
CA ALA A 185 -0.84 -3.70 -17.98
C ALA A 185 -0.06 -2.44 -18.42
N LEU A 186 1.25 -2.58 -18.62
CA LEU A 186 2.07 -1.46 -19.05
C LEU A 186 1.65 -1.02 -20.43
N SER A 187 1.56 -1.94 -21.38
CA SER A 187 1.03 -1.63 -22.71
C SER A 187 -0.31 -0.99 -22.66
N ARG A 188 -1.15 -1.47 -21.78
CA ARG A 188 -2.49 -0.94 -21.72
C ARG A 188 -2.51 0.54 -21.29
N LEU A 189 -1.68 0.89 -20.30
CA LEU A 189 -1.56 2.27 -19.90
C LEU A 189 -1.11 3.13 -21.09
N GLN A 190 -0.23 2.58 -21.86
CA GLN A 190 0.31 3.36 -22.92
C GLN A 190 -0.71 3.61 -24.01
N GLN A 191 -1.46 2.56 -24.43
CA GLN A 191 -2.59 2.69 -25.36
C GLN A 191 -3.64 3.68 -24.82
N GLU A 192 -3.87 3.68 -23.50
CA GLU A 192 -4.79 4.65 -22.94
C GLU A 192 -4.24 6.10 -22.92
N GLY A 193 -3.00 6.35 -23.38
CA GLY A 193 -2.41 7.70 -23.31
C GLY A 193 -1.66 8.18 -22.07
N TYR A 194 -1.37 7.32 -21.09
CA TYR A 194 -0.49 7.77 -20.01
C TYR A 194 0.95 7.92 -20.52
N ARG A 195 1.64 9.00 -20.12
CA ARG A 195 3.10 9.13 -20.31
C ARG A 195 3.92 8.31 -19.33
N TYR A 196 3.41 8.14 -18.11
CA TYR A 196 4.19 7.51 -17.06
C TYR A 196 3.36 6.52 -16.28
N ALA A 197 4.05 5.62 -15.59
CA ALA A 197 3.38 4.59 -14.79
C ALA A 197 4.15 4.44 -13.52
N VAL A 198 3.48 4.60 -12.38
CA VAL A 198 4.07 4.32 -11.09
C VAL A 198 3.95 2.83 -10.86
N LEU A 199 5.01 2.26 -10.31
CA LEU A 199 5.09 0.80 -10.07
C LEU A 199 5.12 0.49 -8.57
N ASP A 200 4.24 -0.36 -8.11
CA ASP A 200 4.22 -0.73 -6.71
C ASP A 200 5.40 -1.64 -6.33
N ALA A 201 5.77 -1.61 -5.06
CA ALA A 201 6.69 -2.58 -4.50
C ALA A 201 6.53 -2.58 -2.96
N LEU A 202 6.26 -3.75 -2.40
CA LEU A 202 6.22 -3.96 -0.97
C LEU A 202 7.43 -4.76 -0.51
N ASN A 203 8.19 -5.32 -1.43
CA ASN A 203 9.25 -6.24 -1.07
C ASN A 203 10.17 -6.42 -2.24
N GLU A 204 11.32 -7.02 -1.98
CA GLU A 204 12.30 -7.15 -3.02
C GLU A 204 11.87 -8.03 -4.20
N ARG A 205 10.97 -8.98 -3.98
CA ARG A 205 10.49 -9.77 -5.11
C ARG A 205 9.79 -8.89 -6.16
N HIS A 206 9.07 -7.89 -5.71
CA HIS A 206 8.38 -7.01 -6.61
C HIS A 206 9.37 -6.26 -7.49
N LEU A 207 10.45 -5.81 -6.87
CA LEU A 207 11.51 -5.16 -7.60
C LEU A 207 12.19 -6.08 -8.60
N GLU A 208 12.36 -7.34 -8.24
CA GLU A 208 12.95 -8.30 -9.15
C GLU A 208 12.05 -8.49 -10.35
N ILE A 209 10.73 -8.53 -10.13
CA ILE A 209 9.79 -8.67 -11.24
C ILE A 209 9.86 -7.44 -12.15
N GLN A 210 9.99 -6.25 -11.56
CA GLN A 210 10.02 -5.04 -12.36
C GLN A 210 11.27 -5.09 -13.24
N GLY A 211 12.39 -5.44 -12.60
CA GLY A 211 13.67 -5.59 -13.28
C GLY A 211 13.52 -6.51 -14.44
N GLU A 212 12.81 -7.58 -14.26
CA GLU A 212 12.65 -8.54 -15.32
C GLU A 212 11.78 -8.01 -16.45
N VAL A 213 10.77 -7.21 -16.11
CA VAL A 213 9.87 -6.67 -17.12
C VAL A 213 10.61 -5.58 -17.91
N LEU A 214 11.41 -4.76 -17.23
CA LEU A 214 12.00 -3.56 -17.79
C LEU A 214 13.45 -3.70 -18.22
N ARG A 215 13.99 -4.91 -18.29
CA ARG A 215 15.34 -5.12 -18.79
C ARG A 215 15.71 -4.25 -20.00
N ASP A 216 14.78 -4.04 -20.92
CA ASP A 216 15.12 -3.31 -22.14
C ASP A 216 14.41 -2.00 -22.33
N ALA A 217 13.81 -1.46 -21.30
CA ALA A 217 13.24 -0.13 -21.43
C ALA A 217 14.41 0.86 -21.74
N PRO A 218 14.20 1.79 -22.67
CA PRO A 218 15.23 2.79 -22.96
C PRO A 218 15.48 3.76 -21.83
N LEU A 219 14.42 4.09 -21.10
CA LEU A 219 14.50 4.93 -19.96
C LEU A 219 13.60 4.40 -18.85
N VAL A 220 14.07 4.60 -17.64
CA VAL A 220 13.48 4.06 -16.47
C VAL A 220 13.84 5.08 -15.37
N THR A 221 13.00 5.23 -14.36
CA THR A 221 13.21 6.26 -13.34
C THR A 221 12.79 5.69 -12.00
N GLY A 222 13.37 6.19 -10.92
CA GLY A 222 13.17 5.61 -9.62
C GLY A 222 14.30 5.88 -8.67
N GLY A 223 14.20 5.27 -7.50
CA GLY A 223 15.29 5.25 -6.54
C GLY A 223 16.17 4.08 -6.81
N SER A 224 16.84 3.58 -5.80
CA SER A 224 17.80 2.50 -5.92
C SER A 224 17.19 1.12 -6.04
N GLY A 225 15.93 0.95 -5.64
CA GLY A 225 15.33 -0.38 -5.64
C GLY A 225 15.22 -1.08 -6.98
N LEU A 226 14.71 -0.37 -7.98
CA LEU A 226 14.58 -0.93 -9.32
C LEU A 226 15.94 -1.29 -9.88
N ALA A 227 16.97 -0.49 -9.59
CA ALA A 227 18.33 -0.79 -10.07
C ALA A 227 18.78 -2.15 -9.59
N MET A 228 18.49 -2.44 -8.34
CA MET A 228 18.80 -3.74 -7.81
C MET A 228 18.14 -4.82 -8.66
N GLY A 229 16.89 -4.60 -9.03
CA GLY A 229 16.14 -5.56 -9.82
C GLY A 229 16.71 -5.71 -11.21
N LEU A 230 17.15 -4.61 -11.82
CA LEU A 230 17.75 -4.68 -13.12
C LEU A 230 19.08 -5.36 -13.02
N ALA A 231 19.84 -5.13 -11.96
CA ALA A 231 21.15 -5.77 -11.84
C ALA A 231 21.00 -7.27 -11.79
N ARG A 232 20.01 -7.76 -11.07
CA ARG A 232 19.84 -9.21 -10.94
C ARG A 232 19.40 -9.88 -12.21
N GLN A 233 18.83 -9.13 -13.15
CA GLN A 233 18.62 -9.71 -14.47
C GLN A 233 19.94 -9.99 -15.13
N TRP A 234 20.93 -9.15 -14.93
CA TRP A 234 22.20 -9.34 -15.62
C TRP A 234 23.07 -10.26 -14.80
N ALA A 235 22.74 -10.42 -13.54
CA ALA A 235 23.49 -11.35 -12.70
C ALA A 235 23.14 -12.76 -13.14
N LYS A 236 21.90 -12.93 -13.65
CA LYS A 236 21.30 -14.25 -13.97
C LYS A 236 22.12 -15.21 -14.82
N HIS A 237 22.98 -14.72 -15.70
CA HIS A 237 23.89 -15.66 -16.44
C HIS A 237 25.35 -15.74 -15.89
N GLY A 238 25.61 -15.08 -14.75
CA GLY A 238 26.93 -15.12 -14.09
C GLY A 238 27.48 -13.76 -13.74
N VAL A 239 28.23 -13.70 -12.63
CA VAL A 239 28.86 -12.45 -12.11
C VAL A 239 30.36 -12.70 -11.84
N SER A 240 30.91 -12.03 -10.83
CA SER A 240 32.37 -12.03 -10.47
C SER A 240 33.29 -12.25 -11.66
N ARG A 243 33.11 -5.20 -8.45
CA ARG A 243 33.52 -4.98 -7.03
C ARG A 243 35.07 -4.86 -6.67
N SER A 244 35.81 -5.94 -6.95
CA SER A 244 37.26 -5.95 -6.96
C SER A 244 37.80 -4.55 -7.23
N ALA A 245 37.39 -3.93 -8.35
CA ALA A 245 38.07 -2.74 -8.85
C ALA A 245 38.06 -1.57 -7.85
N GLY A 246 37.10 -1.60 -6.93
CA GLY A 246 37.02 -0.62 -5.83
C GLY A 246 37.37 -1.14 -4.44
N TYR A 247 37.87 -2.38 -4.35
CA TYR A 247 38.53 -2.85 -3.13
C TYR A 247 39.70 -1.92 -2.81
N PRO A 248 39.85 -1.55 -1.55
CA PRO A 248 40.82 -0.52 -1.23
C PRO A 248 42.26 -0.94 -1.40
N LEU A 249 43.09 0.03 -1.77
CA LEU A 249 44.54 -0.16 -2.00
C LEU A 249 45.35 -0.35 -0.74
N SER A 250 46.59 -0.78 -0.87
CA SER A 250 47.52 -0.84 0.24
C SER A 250 48.10 0.51 0.60
N GLY A 251 48.45 0.66 1.86
CA GLY A 251 49.08 1.88 2.31
C GLY A 251 48.41 2.43 3.52
N ARG A 252 49.04 3.44 4.10
CA ARG A 252 48.54 3.96 5.35
C ARG A 252 47.20 4.70 5.12
N ALA A 253 46.39 4.70 6.19
CA ALA A 253 45.08 5.33 6.23
C ALA A 253 44.99 6.45 7.28
N VAL A 254 43.98 7.28 7.12
CA VAL A 254 43.74 8.40 7.98
C VAL A 254 42.22 8.53 8.10
N VAL A 255 41.72 8.84 9.30
CA VAL A 255 40.32 9.23 9.46
C VAL A 255 40.26 10.76 9.54
N LEU A 256 39.45 11.37 8.68
CA LEU A 256 39.21 12.80 8.71
C LEU A 256 37.73 13.01 9.03
N SER A 257 37.43 13.50 10.22
CA SER A 257 36.05 13.69 10.65
C SER A 257 35.65 15.16 10.74
N GLY A 258 34.66 15.55 9.93
CA GLY A 258 34.09 16.92 9.92
C GLY A 258 32.63 17.04 10.36
N SER A 259 31.87 15.96 10.32
CA SER A 259 30.48 15.92 10.73
C SER A 259 30.22 16.25 12.20
N CYS A 260 29.08 16.90 12.40
CA CYS A 260 28.61 17.36 13.68
C CYS A 260 27.57 16.47 14.32
N SER A 261 27.26 15.35 13.70
CA SER A 261 26.10 14.57 13.97
C SER A 261 26.16 13.65 15.19
N GLN A 262 25.01 13.15 15.65
CA GLN A 262 24.95 12.23 16.77
C GLN A 262 25.77 11.00 16.53
N MET A 263 25.65 10.44 15.33
CA MET A 263 26.34 9.19 15.08
C MET A 263 27.81 9.45 14.84
N THR A 264 28.16 10.52 14.15
CA THR A 264 29.57 10.81 13.97
C THR A 264 30.19 11.00 15.36
N ASN A 265 29.48 11.67 16.25
CA ASN A 265 29.98 11.87 17.60
C ASN A 265 30.27 10.56 18.28
N GLN A 266 29.38 9.59 18.11
CA GLN A 266 29.60 8.29 18.71
C GLN A 266 30.81 7.60 18.13
N GLN A 267 30.94 7.66 16.81
CA GLN A 267 32.06 7.07 16.08
C GLN A 267 33.40 7.67 16.51
N VAL A 268 33.44 8.99 16.74
CA VAL A 268 34.68 9.65 17.14
C VAL A 268 35.02 9.29 18.57
N ALA A 269 34.01 9.34 19.43
CA ALA A 269 34.19 8.99 20.86
C ALA A 269 34.74 7.55 20.99
N PHE A 270 34.22 6.64 20.17
CA PHE A 270 34.64 5.23 20.20
C PHE A 270 36.04 5.06 19.65
N TYR A 271 36.23 5.44 18.39
CA TYR A 271 37.51 5.30 17.72
C TYR A 271 38.70 5.90 18.46
N ARG A 272 38.48 7.00 19.19
CA ARG A 272 39.62 7.76 19.76
C ARG A 272 40.31 7.01 20.93
N GLN A 273 39.60 6.04 21.48
CA GLN A 273 40.16 5.09 22.44
C GLN A 273 41.06 4.05 21.83
N HIS A 274 41.04 3.92 20.52
CA HIS A 274 41.77 2.87 19.85
C HIS A 274 42.88 3.36 18.96
N ALA A 275 42.91 4.66 18.68
CA ALA A 275 43.89 5.17 17.74
C ALA A 275 44.29 6.57 18.13
N PRO A 276 45.52 6.97 17.76
CA PRO A 276 45.96 8.31 18.08
C PRO A 276 45.08 9.30 17.38
N THR A 277 44.64 10.32 18.10
CA THR A 277 43.78 11.31 17.50
C THR A 277 44.08 12.72 17.94
N ARG A 278 43.54 13.67 17.21
CA ARG A 278 43.92 15.05 17.37
C ARG A 278 42.71 15.87 16.96
N ASP A 279 42.33 16.81 17.83
CA ASP A 279 41.15 17.64 17.63
C ASP A 279 41.54 18.94 16.98
N VAL A 280 40.82 19.31 15.94
CA VAL A 280 41.12 20.50 15.19
C VAL A 280 40.82 21.75 16.04
N ASP A 281 41.84 22.58 16.29
CA ASP A 281 41.63 23.84 17.01
C ASP A 281 41.27 24.99 16.09
N VAL A 282 40.04 25.42 16.21
CA VAL A 282 39.52 26.53 15.45
C VAL A 282 40.36 27.81 15.61
N ALA A 283 40.93 28.09 16.78
CA ALA A 283 41.78 29.31 16.87
C ALA A 283 43.02 29.20 15.99
N ARG A 284 43.26 28.06 15.37
CA ARG A 284 44.39 27.97 14.45
C ARG A 284 43.97 27.84 13.00
N CYS A 285 42.70 28.10 12.72
CA CYS A 285 42.14 28.05 11.34
C CYS A 285 41.60 29.38 10.83
N LEU A 286 41.71 30.42 11.65
CA LEU A 286 41.07 31.68 11.37
C LEU A 286 41.73 32.49 10.27
N SER A 287 42.92 32.15 9.79
CA SER A 287 43.44 32.78 8.56
C SER A 287 44.17 31.82 7.64
N SER A 288 44.55 32.32 6.47
CA SER A 288 45.32 31.55 5.50
C SER A 288 46.62 31.00 6.01
N GLU A 289 47.40 31.89 6.60
CA GLU A 289 48.77 31.58 6.91
C GLU A 289 48.70 30.62 8.05
N THR A 290 47.81 30.87 8.97
CA THR A 290 47.69 29.96 10.08
C THR A 290 47.15 28.65 9.57
N ARG A 291 46.14 28.67 8.75
CA ARG A 291 45.67 27.39 8.19
C ARG A 291 46.77 26.60 7.49
N GLU A 292 47.54 27.28 6.66
CA GLU A 292 48.56 26.62 5.90
C GLU A 292 49.57 25.95 6.82
N ALA A 293 50.05 26.68 7.81
CA ALA A 293 51.00 26.08 8.74
C ALA A 293 50.37 24.95 9.55
N TYR A 294 49.10 25.11 9.97
CA TYR A 294 48.42 24.11 10.81
C TYR A 294 48.21 22.81 10.04
N ALA A 295 47.83 22.93 8.78
CA ALA A 295 47.70 21.79 7.89
C ALA A 295 49.04 21.06 7.80
N GLU A 296 50.12 21.79 7.58
CA GLU A 296 51.44 21.17 7.62
C GLU A 296 51.71 20.42 8.92
N ALA A 297 51.43 21.06 10.07
CA ALA A 297 51.78 20.50 11.36
C ALA A 297 50.97 19.23 11.52
N LEU A 298 49.67 19.29 11.17
CA LEU A 298 48.79 18.16 11.40
C LEU A 298 49.15 17.01 10.46
N ALA A 299 49.68 17.30 9.27
CA ALA A 299 50.00 16.23 8.33
C ALA A 299 51.24 15.52 8.86
N GLN A 300 52.24 16.31 9.23
CA GLN A 300 53.46 15.79 9.84
C GLN A 300 53.10 15.00 11.07
N TRP A 301 52.10 15.44 11.80
CA TRP A 301 51.69 14.67 12.96
C TRP A 301 51.14 13.30 12.54
N VAL A 302 50.24 13.29 11.57
CA VAL A 302 49.63 12.04 11.15
C VAL A 302 50.74 11.11 10.65
N LEU A 303 51.59 11.64 9.77
CA LEU A 303 52.61 10.83 9.11
C LEU A 303 53.64 10.32 10.09
N SER A 304 53.88 11.02 11.17
CA SER A 304 54.89 10.53 12.08
C SER A 304 54.28 9.57 13.14
N GLN A 305 52.98 9.34 13.13
CA GLN A 305 52.42 8.31 14.01
C GLN A 305 52.86 6.94 13.56
N ASP A 306 52.67 6.00 14.45
CA ASP A 306 53.11 4.64 14.21
C ASP A 306 52.25 3.80 15.14
N SER A 307 51.10 3.40 14.63
CA SER A 307 50.08 2.70 15.38
C SER A 307 49.51 1.74 14.40
N GLU A 308 48.80 0.75 14.89
CA GLU A 308 48.15 -0.20 14.00
C GLU A 308 47.07 0.56 13.19
N LEU A 309 46.04 1.07 13.88
CA LEU A 309 44.93 1.75 13.22
C LEU A 309 45.30 3.18 12.80
N ALA A 310 44.53 3.73 11.86
CA ALA A 310 44.75 5.06 11.28
C ALA A 310 44.52 6.19 12.30
N PRO A 311 45.43 7.17 12.34
CA PRO A 311 45.24 8.37 13.12
C PRO A 311 43.99 9.12 12.68
N MET A 312 43.36 9.80 13.62
CA MET A 312 42.16 10.59 13.35
C MET A 312 42.41 12.08 13.54
N ILE A 313 41.89 12.88 12.63
CA ILE A 313 41.80 14.31 12.85
C ILE A 313 40.31 14.66 12.82
N SER A 314 39.82 15.04 14.00
CA SER A 314 38.42 15.26 14.21
C SER A 314 38.15 16.70 14.48
N ALA A 315 37.07 17.20 13.90
CA ALA A 315 36.60 18.54 14.09
C ALA A 315 35.28 18.51 14.83
N THR A 316 34.92 17.36 15.39
CA THR A 316 33.59 17.22 15.95
C THR A 316 33.46 17.88 17.35
N ALA A 317 34.58 18.05 18.06
CA ALA A 317 34.66 18.87 19.32
C ALA A 317 34.39 20.34 19.06
N SER A 318 35.01 20.86 17.99
CA SER A 318 34.81 22.25 17.49
C SER A 318 33.34 22.48 17.03
N THR A 319 32.79 21.48 16.33
CA THR A 319 31.35 21.37 15.99
C THR A 319 30.38 21.53 17.19
N GLN A 320 30.89 21.30 18.40
CA GLN A 320 30.10 21.37 19.63
C GLN A 320 30.35 22.66 20.49
N ALA A 321 30.95 23.70 19.90
CA ALA A 321 31.41 24.87 20.67
C ALA A 321 30.29 25.90 20.97
N LEU A 322 29.43 26.23 19.99
CA LEU A 322 28.28 27.16 20.24
C LEU A 322 27.41 26.63 21.41
N ALA A 323 27.03 25.34 21.33
CA ALA A 323 26.37 24.56 22.40
C ALA A 323 27.06 24.57 23.82
N ALA A 324 28.40 24.64 23.85
CA ALA A 324 29.18 24.56 25.10
C ALA A 324 29.02 25.84 25.96
N ILE A 325 28.73 26.95 25.26
CA ILE A 325 28.61 28.31 25.85
C ILE A 325 27.11 28.63 26.14
N GLN A 326 26.28 28.82 25.09
CA GLN A 326 24.81 28.87 25.28
C GLN A 326 24.24 27.48 25.02
N GLN A 327 23.85 26.82 26.11
CA GLN A 327 23.49 25.40 26.10
C GLN A 327 22.09 25.12 25.53
N GLN A 328 21.33 26.19 25.20
CA GLN A 328 20.08 26.11 24.43
C GLN A 328 20.25 25.61 22.97
N TYR A 329 21.43 25.89 22.38
CA TYR A 329 21.83 25.38 21.04
C TYR A 329 22.45 23.98 21.21
N GLY A 330 22.52 23.23 20.11
CA GLY A 330 23.25 21.98 20.08
C GLY A 330 24.43 22.12 19.13
N ALA A 331 24.57 21.08 18.30
CA ALA A 331 25.53 21.05 17.21
C ALA A 331 25.41 22.32 16.33
N THR A 332 26.50 22.62 15.61
CA THR A 332 26.55 23.59 14.50
C THR A 332 27.48 22.91 13.48
N GLU A 333 27.15 22.89 12.19
CA GLU A 333 28.00 22.11 11.21
C GLU A 333 29.38 22.75 10.95
N ALA A 334 30.38 21.94 10.56
CA ALA A 334 31.78 22.41 10.55
C ALA A 334 31.96 23.67 9.72
N SER A 335 32.61 24.67 10.30
CA SER A 335 32.72 25.97 9.66
C SER A 335 33.56 25.96 8.39
N HIS A 336 33.36 27.02 7.61
CA HIS A 336 34.15 27.20 6.41
C HIS A 336 35.66 27.11 6.73
N ALA A 337 36.11 27.66 7.84
CA ALA A 337 37.55 27.69 8.15
C ALA A 337 38.09 26.28 8.42
N VAL A 338 37.34 25.49 9.16
CA VAL A 338 37.67 24.09 9.33
C VAL A 338 37.64 23.34 7.98
N GLU A 339 36.61 23.51 7.16
CA GLU A 339 36.66 22.86 5.85
C GLU A 339 37.87 23.32 5.02
N ALA A 340 38.20 24.58 5.04
CA ALA A 340 39.40 25.04 4.36
C ALA A 340 40.62 24.32 4.88
N LEU A 341 40.67 24.04 6.19
CA LEU A 341 41.82 23.34 6.75
C LEU A 341 41.89 21.92 6.19
N PHE A 342 40.77 21.20 6.28
CA PHE A 342 40.71 19.83 5.77
C PHE A 342 41.14 19.73 4.31
N SER A 343 40.78 20.75 3.56
CA SER A 343 41.19 20.83 2.17
C SER A 343 42.71 20.76 2.01
N LEU A 344 43.42 21.66 2.68
CA LEU A 344 44.87 21.67 2.65
C LEU A 344 45.49 20.40 3.23
N LEU A 345 44.84 19.85 4.24
CA LEU A 345 45.38 18.75 5.00
C LEU A 345 45.38 17.50 4.10
N ALA A 346 44.28 17.31 3.37
CA ALA A 346 44.10 16.13 2.53
C ALA A 346 45.16 16.12 1.46
N ALA A 347 45.34 17.25 0.79
CA ALA A 347 46.40 17.29 -0.26
C ALA A 347 47.74 16.86 0.32
N ARG A 348 48.12 17.43 1.44
CA ARG A 348 49.43 17.11 2.04
C ARG A 348 49.57 15.66 2.47
N LEU A 349 48.52 15.09 3.03
CA LEU A 349 48.51 13.68 3.41
C LEU A 349 48.74 12.80 2.18
N ALA A 350 48.04 13.13 1.10
CA ALA A 350 48.27 12.44 -0.18
C ALA A 350 49.72 12.58 -0.61
N GLU A 351 50.26 13.82 -0.68
CA GLU A 351 51.69 14.02 -1.05
C GLU A 351 52.63 13.22 -0.17
N GLY A 352 52.28 13.02 1.09
CA GLY A 352 53.15 12.29 2.00
C GLY A 352 52.89 10.82 2.02
N GLY A 353 52.07 10.33 1.11
CA GLY A 353 51.85 8.92 0.96
C GLY A 353 50.65 8.28 1.62
N ILE A 354 49.81 9.04 2.33
CA ILE A 354 48.54 8.44 2.77
C ILE A 354 47.82 8.00 1.51
N THR A 355 47.16 6.86 1.61
CA THR A 355 46.59 6.17 0.48
C THR A 355 45.08 5.89 0.66
N ARG A 356 44.62 5.74 1.91
CA ARG A 356 43.25 5.49 2.26
C ARG A 356 42.68 6.59 3.15
N PHE A 357 41.57 7.18 2.74
CA PHE A 357 40.98 8.29 3.47
C PHE A 357 39.58 7.93 3.91
N ILE A 358 39.38 7.83 5.23
CA ILE A 358 38.09 7.54 5.78
C ILE A 358 37.53 8.89 6.23
N VAL A 359 36.46 9.35 5.59
CA VAL A 359 36.01 10.72 5.82
C VAL A 359 34.56 10.72 6.31
N ALA A 360 34.30 11.45 7.40
CA ALA A 360 32.97 11.60 7.96
C ALA A 360 32.47 13.03 7.69
N GLY A 361 31.28 13.13 7.08
CA GLY A 361 30.66 14.41 6.75
C GLY A 361 30.49 14.54 5.25
N GLY A 362 29.33 15.02 4.80
CA GLY A 362 29.09 15.30 3.38
C GLY A 362 29.90 16.48 2.83
N GLU A 363 29.95 17.60 3.56
CA GLU A 363 30.77 18.70 3.08
C GLU A 363 32.25 18.27 3.09
N THR A 364 32.67 17.64 4.17
CA THR A 364 34.04 17.25 4.31
C THR A 364 34.45 16.28 3.22
N SER A 365 33.56 15.33 2.91
CA SER A 365 33.81 14.40 1.79
C SER A 365 33.98 15.17 0.50
N GLY A 366 33.14 16.14 0.30
CA GLY A 366 33.27 17.00 -0.85
C GLY A 366 34.60 17.69 -0.94
N VAL A 367 35.04 18.31 0.16
CA VAL A 367 36.24 19.10 0.08
C VAL A 367 37.46 18.21 -0.06
N VAL A 368 37.43 17.03 0.55
CA VAL A 368 38.56 16.11 0.47
C VAL A 368 38.72 15.58 -0.94
N THR A 369 37.59 15.24 -1.56
CA THR A 369 37.59 14.75 -2.90
C THR A 369 38.06 15.81 -3.85
N GLN A 370 37.54 17.02 -3.69
CA GLN A 370 37.94 18.06 -4.60
C GLN A 370 39.39 18.42 -4.38
N SER A 371 39.88 18.34 -3.15
CA SER A 371 41.25 18.64 -2.85
C SER A 371 42.23 17.66 -3.49
N LEU A 372 41.90 16.40 -3.51
CA LEU A 372 42.78 15.44 -4.17
C LEU A 372 42.53 15.43 -5.69
N GLY A 373 41.58 16.24 -6.15
CA GLY A 373 41.28 16.35 -7.57
C GLY A 373 40.69 15.09 -8.15
N ILE A 374 39.94 14.37 -7.35
CA ILE A 374 39.26 13.16 -7.79
C ILE A 374 37.94 13.51 -8.41
N THR A 375 37.68 12.93 -9.55
CA THR A 375 36.54 13.25 -10.40
C THR A 375 35.55 12.13 -10.46
N GLY A 376 36.04 10.91 -10.21
CA GLY A 376 35.21 9.74 -10.20
C GLY A 376 35.93 8.55 -9.62
N PHE A 377 35.20 7.44 -9.46
CA PHE A 377 35.80 6.27 -8.87
C PHE A 377 35.05 4.96 -9.08
N HIS A 378 35.80 3.87 -8.95
CA HIS A 378 35.27 2.52 -9.01
C HIS A 378 34.62 2.24 -7.67
N ILE A 379 33.42 1.73 -7.69
CA ILE A 379 32.69 1.48 -6.47
C ILE A 379 33.02 0.08 -5.98
N GLY A 380 33.40 -0.01 -4.72
CA GLY A 380 33.84 -1.27 -4.15
C GLY A 380 32.82 -1.79 -3.16
N PRO A 381 33.29 -2.60 -2.20
CA PRO A 381 32.42 -3.21 -1.23
C PRO A 381 31.92 -2.26 -0.16
N CYS A 382 30.80 -2.63 0.45
CA CYS A 382 30.23 -1.89 1.56
C CYS A 382 30.91 -2.05 2.85
N ILE A 383 30.99 -0.97 3.59
CA ILE A 383 31.42 -1.02 4.94
C ILE A 383 30.14 -1.03 5.74
N SER A 384 29.18 -0.21 5.34
CA SER A 384 27.88 -0.14 5.98
C SER A 384 26.98 0.21 4.85
N PRO A 385 25.68 0.09 5.04
CA PRO A 385 24.80 0.44 3.93
C PRO A 385 25.00 1.87 3.50
N GLY A 386 25.16 2.06 2.19
CA GLY A 386 25.29 3.40 1.59
C GLY A 386 26.72 3.89 1.54
N VAL A 387 27.63 3.14 2.17
CA VAL A 387 28.98 3.59 2.37
C VAL A 387 29.98 2.54 1.99
N PRO A 388 30.31 2.47 0.69
CA PRO A 388 31.32 1.59 0.16
C PRO A 388 32.73 2.19 0.12
N TRP A 389 33.73 1.33 0.08
CA TRP A 389 35.06 1.74 -0.32
C TRP A 389 35.01 2.06 -1.80
N VAL A 390 35.77 3.06 -2.21
CA VAL A 390 35.78 3.58 -3.56
C VAL A 390 37.28 3.81 -3.95
N ASN A 391 37.68 3.61 -5.21
CA ASN A 391 39.05 3.91 -5.66
C ASN A 391 39.09 4.96 -6.74
N ALA A 392 39.81 6.05 -6.55
CA ALA A 392 39.87 7.09 -7.57
C ALA A 392 40.25 6.51 -8.93
N LEU A 393 39.74 7.09 -9.99
CA LEU A 393 40.12 6.65 -11.33
C LEU A 393 41.56 7.06 -11.70
N HIS A 394 42.03 8.23 -11.29
CA HIS A 394 43.33 8.72 -11.80
C HIS A 394 44.36 9.15 -10.74
N ALA A 395 44.11 8.80 -9.48
CA ALA A 395 45.06 8.99 -8.43
C ALA A 395 45.00 7.66 -7.74
N PRO A 396 46.11 7.22 -7.20
CA PRO A 396 46.12 5.95 -6.45
C PRO A 396 45.67 6.18 -5.01
N VAL A 397 44.37 6.39 -4.83
CA VAL A 397 43.80 6.80 -3.57
C VAL A 397 42.50 6.06 -3.39
N SER A 398 42.20 5.67 -2.16
CA SER A 398 40.97 4.96 -1.82
C SER A 398 40.24 5.78 -0.79
N LEU A 399 38.92 5.86 -0.92
CA LEU A 399 38.11 6.74 -0.10
C LEU A 399 36.96 5.94 0.51
N ALA A 400 36.60 6.22 1.75
CA ALA A 400 35.34 5.73 2.28
C ALA A 400 34.63 6.94 2.83
N LEU A 401 33.65 7.44 2.10
CA LEU A 401 32.98 8.70 2.40
C LEU A 401 31.64 8.47 3.05
N LYS A 402 31.48 8.98 4.25
CA LYS A 402 30.35 8.74 5.11
C LYS A 402 29.68 10.07 5.37
N SER A 403 28.37 10.05 5.22
CA SER A 403 27.50 11.21 5.46
C SER A 403 26.78 11.17 6.86
N GLY A 404 26.80 12.29 7.58
CA GLY A 404 25.89 12.52 8.73
C GLY A 404 25.70 11.35 9.68
N ASN A 405 24.55 10.66 9.60
CA ASN A 405 24.18 9.54 10.50
C ASN A 405 24.21 8.12 9.92
N PHE A 406 24.81 7.94 8.74
CA PHE A 406 25.19 6.60 8.27
C PHE A 406 26.28 5.94 9.12
N GLY A 407 26.23 4.62 9.14
CA GLY A 407 27.19 3.82 9.85
C GLY A 407 26.70 3.49 11.26
N ASP A 408 27.49 2.64 11.88
CA ASP A 408 27.38 2.21 13.25
C ASP A 408 28.56 2.78 14.07
N GLU A 409 28.56 2.52 15.37
CA GLU A 409 29.57 3.01 16.31
C GLU A 409 31.01 2.74 15.89
N SER A 410 31.26 1.53 15.40
CA SER A 410 32.62 1.10 15.11
C SER A 410 33.04 1.30 13.66
N PHE A 411 32.29 2.09 12.91
CA PHE A 411 32.57 2.31 11.49
C PHE A 411 34.05 2.50 11.15
N PHE A 412 34.70 3.42 11.85
CA PHE A 412 36.08 3.76 11.53
C PHE A 412 37.04 2.59 11.75
N ILE A 413 36.69 1.70 12.69
CA ILE A 413 37.45 0.46 12.83
C ILE A 413 37.10 -0.52 11.71
N ARG A 414 35.81 -0.74 11.46
CA ARG A 414 35.43 -1.77 10.50
C ARG A 414 35.99 -1.46 9.15
N ALA A 415 35.91 -0.19 8.77
CA ALA A 415 36.47 0.31 7.51
C ALA A 415 37.87 -0.23 7.26
N GLN A 416 38.62 -0.46 8.34
CA GLN A 416 40.00 -0.87 8.24
C GLN A 416 40.15 -2.37 8.46
N ARG A 417 39.50 -2.89 9.48
CA ARG A 417 39.74 -4.25 9.98
C ARG A 417 39.09 -5.31 9.10
N GLU A 418 37.93 -4.98 8.55
CA GLU A 418 37.28 -5.89 7.62
C GLU A 418 37.73 -5.73 6.17
N PHE A 419 38.82 -5.01 5.93
CA PHE A 419 39.29 -4.87 4.57
C PHE A 419 40.79 -4.74 4.59
N GLN A 420 41.49 -5.82 4.36
CA GLN A 420 42.88 -5.81 4.63
C GLN A 420 43.75 -5.43 3.44
N VAL A 421 43.95 -6.35 2.50
CA VAL A 421 45.35 -6.50 1.89
C VAL A 421 46.03 -5.13 1.52
N MET B 2 -21.31 -26.22 20.19
CA MET B 2 -21.14 -27.04 18.94
C MET B 2 -21.44 -26.19 17.68
N LEU B 3 -22.26 -25.16 17.86
CA LEU B 3 -22.39 -24.04 16.92
C LEU B 3 -21.05 -23.36 16.85
N LYS B 4 -20.40 -23.41 15.71
CA LYS B 4 -18.98 -23.15 15.66
C LYS B 4 -18.61 -21.68 15.46
N ILE B 5 -19.41 -20.95 14.70
CA ILE B 5 -19.29 -19.52 14.59
C ILE B 5 -20.65 -18.86 14.66
N GLY B 6 -20.78 -17.82 15.48
CA GLY B 6 -21.97 -17.00 15.49
C GLY B 6 -21.66 -15.59 15.06
N VAL B 7 -22.36 -15.12 14.03
CA VAL B 7 -22.07 -13.82 13.47
C VAL B 7 -23.15 -12.84 13.85
N ILE B 8 -22.74 -11.67 14.30
CA ILE B 8 -23.63 -10.53 14.48
C ILE B 8 -23.32 -9.53 13.39
N ALA B 9 -24.22 -9.40 12.40
CA ALA B 9 -24.00 -8.53 11.25
C ALA B 9 -24.79 -7.26 11.37
N ASP B 10 -24.20 -6.13 10.99
CA ASP B 10 -24.85 -4.83 11.16
C ASP B 10 -25.77 -4.40 9.99
N ASP B 11 -26.00 -5.29 9.04
CA ASP B 11 -27.02 -5.04 8.02
C ASP B 11 -27.46 -6.36 7.40
N PHE B 12 -28.45 -6.27 6.53
CA PHE B 12 -29.06 -7.41 5.90
C PHE B 12 -28.19 -7.94 4.74
N THR B 13 -28.01 -7.11 3.73
CA THR B 13 -27.18 -7.47 2.58
C THR B 13 -25.87 -8.16 2.92
N GLY B 14 -25.14 -7.56 3.84
CA GLY B 14 -23.90 -8.10 4.33
C GLY B 14 -24.01 -9.32 5.21
N ALA B 15 -25.12 -9.46 5.93
CA ALA B 15 -25.40 -10.72 6.67
C ALA B 15 -25.33 -11.85 5.67
N THR B 16 -26.02 -11.67 4.55
CA THR B 16 -26.23 -12.81 3.69
C THR B 16 -24.92 -13.02 2.92
N ASP B 17 -24.19 -11.94 2.69
CA ASP B 17 -22.87 -12.01 2.06
C ASP B 17 -21.92 -12.92 2.83
N ILE B 18 -21.77 -12.67 4.11
CA ILE B 18 -20.80 -13.40 4.91
C ILE B 18 -21.31 -14.82 5.05
N ALA B 19 -22.60 -14.95 5.29
CA ALA B 19 -23.25 -16.26 5.41
C ALA B 19 -22.83 -17.12 4.22
N SER B 20 -22.88 -16.51 3.06
CA SER B 20 -22.54 -17.15 1.83
C SER B 20 -21.08 -17.58 1.74
N PHE B 21 -20.15 -16.75 2.21
CA PHE B 21 -18.75 -17.16 2.25
C PHE B 21 -18.54 -18.36 3.14
N LEU B 22 -19.26 -18.43 4.25
CA LEU B 22 -19.13 -19.56 5.15
C LEU B 22 -19.59 -20.85 4.45
N VAL B 23 -20.73 -20.76 3.76
CA VAL B 23 -21.31 -21.94 3.17
C VAL B 23 -20.42 -22.39 2.03
N GLU B 24 -19.94 -21.45 1.24
CA GLU B 24 -18.97 -21.80 0.20
C GLU B 24 -17.63 -22.34 0.70
N ASN B 25 -17.41 -22.43 2.01
CA ASN B 25 -16.14 -22.99 2.51
C ASN B 25 -16.38 -24.11 3.52
N GLY B 26 -17.53 -24.76 3.35
CA GLY B 26 -17.86 -25.99 4.05
C GLY B 26 -18.64 -25.82 5.33
N MET B 27 -19.25 -24.66 5.56
CA MET B 27 -19.95 -24.43 6.84
C MET B 27 -21.43 -24.07 6.64
N PRO B 28 -22.31 -25.06 6.79
CA PRO B 28 -23.74 -24.81 6.62
C PRO B 28 -24.14 -23.72 7.55
N THR B 29 -24.96 -22.81 7.07
CA THR B 29 -25.27 -21.60 7.81
C THR B 29 -26.73 -21.19 7.67
N VAL B 30 -27.29 -20.66 8.74
CA VAL B 30 -28.60 -20.06 8.66
C VAL B 30 -28.49 -18.58 8.99
N GLN B 31 -29.28 -17.75 8.32
CA GLN B 31 -29.38 -16.35 8.67
C GLN B 31 -30.71 -16.08 9.35
N ILE B 32 -30.71 -15.29 10.42
CA ILE B 32 -31.94 -14.91 11.07
C ILE B 32 -32.00 -13.41 11.17
N ASN B 33 -33.15 -12.81 10.88
CA ASN B 33 -33.30 -11.35 10.81
C ASN B 33 -33.88 -10.70 12.05
N ASP B 34 -33.00 -10.34 12.97
CA ASP B 34 -33.26 -9.58 14.23
C ASP B 34 -32.88 -10.52 15.32
N VAL B 35 -32.72 -9.99 16.52
CA VAL B 35 -32.52 -10.88 17.66
C VAL B 35 -33.50 -12.08 17.53
N PRO B 36 -32.96 -13.31 17.46
CA PRO B 36 -33.81 -14.49 17.35
C PRO B 36 -34.59 -14.68 18.62
N THR B 37 -35.79 -15.26 18.52
CA THR B 37 -36.54 -15.66 19.72
C THR B 37 -36.68 -17.18 19.82
N GLY B 38 -36.42 -17.88 18.75
CA GLY B 38 -36.55 -19.31 18.79
C GLY B 38 -35.38 -20.03 19.43
N THR B 39 -35.04 -21.13 18.80
CA THR B 39 -34.14 -22.12 19.30
C THR B 39 -33.07 -22.22 18.18
N GLN B 40 -31.96 -22.90 18.42
CA GLN B 40 -30.95 -22.99 17.36
C GLN B 40 -31.50 -23.87 16.27
N PRO B 41 -31.65 -23.33 15.04
CA PRO B 41 -32.08 -24.14 13.90
C PRO B 41 -31.16 -25.34 13.60
N GLU B 42 -31.80 -26.46 13.30
CA GLU B 42 -31.08 -27.66 12.90
C GLU B 42 -30.46 -27.40 11.53
N GLY B 43 -29.36 -28.07 11.24
CA GLY B 43 -28.69 -27.95 9.95
C GLY B 43 -27.56 -26.94 9.88
N CYS B 44 -27.17 -26.37 11.02
CA CYS B 44 -26.22 -25.26 11.09
C CYS B 44 -24.92 -25.61 11.75
N ASP B 45 -23.85 -25.09 11.23
CA ASP B 45 -22.67 -24.90 12.04
C ASP B 45 -22.44 -23.44 12.37
N ALA B 46 -23.09 -22.56 11.62
CA ALA B 46 -22.96 -21.14 11.89
C ALA B 46 -24.34 -20.50 11.83
N VAL B 47 -24.52 -19.44 12.60
CA VAL B 47 -25.70 -18.62 12.49
C VAL B 47 -25.27 -17.19 12.32
N VAL B 48 -25.91 -16.52 11.36
CA VAL B 48 -25.68 -15.10 11.14
C VAL B 48 -26.94 -14.35 11.59
N ILE B 49 -26.81 -13.50 12.59
CA ILE B 49 -27.94 -12.67 13.01
C ILE B 49 -27.81 -11.33 12.31
N SER B 50 -28.79 -11.00 11.49
CA SER B 50 -28.89 -9.73 10.84
C SER B 50 -29.60 -8.66 11.68
N LEU B 51 -28.91 -7.56 11.93
CA LEU B 51 -29.48 -6.41 12.65
C LEU B 51 -29.45 -5.15 11.78
N LYS B 52 -30.20 -4.12 12.16
CA LYS B 52 -30.12 -2.80 11.53
C LYS B 52 -29.35 -1.87 12.45
N THR B 53 -28.07 -2.13 12.67
CA THR B 53 -27.34 -1.40 13.69
C THR B 53 -26.17 -0.58 13.11
N ARG B 54 -26.24 -0.35 11.81
CA ARG B 54 -25.13 0.31 11.18
C ARG B 54 -25.13 1.82 11.37
N SER B 55 -26.31 2.43 11.34
CA SER B 55 -26.47 3.88 11.36
C SER B 55 -27.38 4.41 12.46
N CYS B 56 -28.02 3.55 13.23
CA CYS B 56 -28.81 4.02 14.36
C CYS B 56 -27.86 4.58 15.44
N PRO B 57 -28.41 5.16 16.52
CA PRO B 57 -27.56 5.59 17.65
C PRO B 57 -26.78 4.46 18.31
N ALA B 58 -25.63 4.81 18.88
CA ALA B 58 -24.71 3.82 19.45
C ALA B 58 -25.33 2.99 20.57
N GLN B 59 -26.20 3.60 21.37
CA GLN B 59 -26.78 2.86 22.48
C GLN B 59 -27.71 1.80 21.96
N GLU B 60 -28.55 2.14 21.00
CA GLU B 60 -29.40 1.15 20.35
C GLU B 60 -28.59 0.04 19.70
N ALA B 61 -27.46 0.40 19.10
CA ALA B 61 -26.60 -0.61 18.45
C ALA B 61 -25.99 -1.54 19.49
N ILE B 62 -25.53 -1.01 20.61
CA ILE B 62 -24.98 -1.85 21.69
C ILE B 62 -26.01 -2.84 22.26
N LYS B 63 -27.16 -2.31 22.66
CA LYS B 63 -28.27 -3.09 23.17
C LYS B 63 -28.62 -4.23 22.22
N GLN B 64 -28.87 -3.88 20.97
CA GLN B 64 -29.26 -4.89 19.98
C GLN B 64 -28.22 -5.97 19.84
N SER B 65 -26.96 -5.60 19.91
CA SER B 65 -25.90 -6.52 19.65
C SER B 65 -25.67 -7.38 20.84
N LEU B 66 -25.84 -6.81 22.01
CA LEU B 66 -25.69 -7.57 23.22
C LEU B 66 -26.79 -8.66 23.34
N ALA B 67 -28.02 -8.32 22.92
CA ALA B 67 -29.13 -9.28 22.91
C ALA B 67 -28.81 -10.41 21.94
N ALA B 68 -28.27 -10.05 20.78
CA ALA B 68 -27.88 -11.04 19.82
C ALA B 68 -26.84 -11.98 20.44
N LEU B 69 -25.84 -11.41 21.11
CA LEU B 69 -24.76 -12.17 21.72
C LEU B 69 -25.26 -13.18 22.75
N VAL B 70 -26.22 -12.74 23.54
CA VAL B 70 -26.73 -13.53 24.63
C VAL B 70 -27.45 -14.74 24.09
N TRP B 71 -28.21 -14.55 23.02
CA TRP B 71 -28.88 -15.67 22.35
C TRP B 71 -27.85 -16.67 21.86
N LEU B 72 -26.87 -16.16 21.13
CA LEU B 72 -25.77 -16.96 20.62
C LEU B 72 -25.08 -17.76 21.72
N LYS B 73 -24.82 -17.14 22.86
CA LYS B 73 -24.16 -17.86 23.95
C LYS B 73 -25.02 -18.91 24.64
N LYS B 74 -26.28 -18.58 24.89
CA LYS B 74 -27.28 -19.53 25.36
C LYS B 74 -27.30 -20.79 24.48
N GLN B 75 -27.42 -20.60 23.16
CA GLN B 75 -27.34 -21.72 22.19
C GLN B 75 -25.98 -22.42 22.14
N GLY B 76 -24.98 -21.95 22.88
CA GLY B 76 -23.65 -22.58 22.94
C GLY B 76 -22.89 -22.30 21.67
N CYS B 77 -21.83 -21.52 21.75
CA CYS B 77 -21.26 -20.94 20.54
C CYS B 77 -19.77 -20.70 20.65
N GLN B 78 -18.95 -21.37 19.86
CA GLN B 78 -17.51 -21.36 20.10
C GLN B 78 -16.80 -20.04 19.78
N GLN B 79 -17.22 -19.34 18.73
CA GLN B 79 -16.57 -18.10 18.33
C GLN B 79 -17.60 -17.05 17.86
N VAL B 80 -17.44 -15.81 18.32
CA VAL B 80 -18.30 -14.73 17.88
C VAL B 80 -17.56 -13.85 16.88
N TYR B 81 -18.28 -13.53 15.81
CA TYR B 81 -17.77 -12.72 14.73
C TYR B 81 -18.65 -11.48 14.60
N PHE B 82 -18.07 -10.31 14.88
CA PHE B 82 -18.78 -9.06 14.63
C PHE B 82 -18.49 -8.64 13.21
N LYS B 83 -19.53 -8.61 12.38
CA LYS B 83 -19.44 -8.33 10.93
C LYS B 83 -19.91 -6.92 10.67
N TYR B 84 -19.04 -6.11 10.09
CA TYR B 84 -19.43 -4.79 9.64
C TYR B 84 -19.00 -4.70 8.18
N CYS B 85 -19.17 -3.52 7.64
CA CYS B 85 -18.89 -3.27 6.28
C CYS B 85 -17.39 -3.14 5.99
N SER B 86 -16.97 -3.61 4.83
CA SER B 86 -15.56 -3.51 4.45
C SER B 86 -15.04 -2.10 4.23
N THR B 87 -15.92 -1.16 3.95
CA THR B 87 -15.49 0.22 3.92
C THR B 87 -15.60 0.90 5.30
N PHE B 88 -15.76 0.11 6.37
CA PHE B 88 -15.73 0.63 7.75
C PHE B 88 -16.78 1.71 8.11
N ASP B 89 -17.91 1.68 7.40
CA ASP B 89 -18.94 2.72 7.50
C ASP B 89 -19.33 2.94 8.94
N SER B 90 -19.05 4.14 9.41
CA SER B 90 -19.26 4.53 10.78
C SER B 90 -18.99 6.02 10.84
N THR B 91 -19.11 6.60 12.03
CA THR B 91 -18.75 8.00 12.28
C THR B 91 -18.00 8.05 13.60
N ALA B 92 -17.48 9.21 14.00
CA ALA B 92 -16.84 9.31 15.34
C ALA B 92 -17.71 8.77 16.45
N GLU B 93 -19.02 8.69 16.22
CA GLU B 93 -19.96 8.31 17.30
C GLU B 93 -20.31 6.84 17.30
N GLY B 94 -19.95 6.12 16.24
CA GLY B 94 -20.24 4.71 16.20
C GLY B 94 -20.50 4.29 14.79
N ASN B 95 -20.88 3.03 14.58
CA ASN B 95 -21.18 2.10 15.69
C ASN B 95 -20.24 0.91 15.84
N ILE B 96 -19.18 0.83 15.04
CA ILE B 96 -18.21 -0.27 15.18
C ILE B 96 -17.46 -0.32 16.54
N GLY B 97 -17.01 0.82 17.02
CA GLY B 97 -16.27 0.86 18.31
C GLY B 97 -17.14 0.54 19.53
N PRO B 98 -18.24 1.27 19.68
CA PRO B 98 -19.11 1.00 20.77
C PRO B 98 -19.61 -0.41 20.78
N VAL B 99 -19.99 -0.97 19.63
CA VAL B 99 -20.43 -2.35 19.64
C VAL B 99 -19.25 -3.26 19.94
N THR B 100 -18.07 -3.03 19.33
CA THR B 100 -16.91 -3.88 19.63
C THR B 100 -16.57 -3.87 21.11
N ASP B 101 -16.53 -2.70 21.76
CA ASP B 101 -16.16 -2.66 23.18
C ASP B 101 -17.19 -3.41 24.05
N ALA B 102 -18.46 -3.32 23.70
CA ALA B 102 -19.50 -3.92 24.51
C ALA B 102 -19.37 -5.43 24.42
N LEU B 103 -19.17 -5.95 23.21
CA LEU B 103 -18.99 -7.39 23.02
C LEU B 103 -17.76 -7.87 23.79
N MET B 104 -16.65 -7.12 23.72
CA MET B 104 -15.42 -7.50 24.43
C MET B 104 -15.70 -7.63 25.90
N VAL B 105 -16.40 -6.65 26.48
CA VAL B 105 -16.69 -6.69 27.91
C VAL B 105 -17.59 -7.87 28.21
N ALA B 106 -18.66 -8.02 27.43
CA ALA B 106 -19.62 -9.12 27.61
C ALA B 106 -19.02 -10.52 27.45
N LEU B 107 -18.01 -10.72 26.62
CA LEU B 107 -17.28 -12.01 26.50
C LEU B 107 -15.98 -12.06 27.32
N ASP B 108 -15.67 -11.01 28.06
CA ASP B 108 -14.48 -10.99 28.92
C ASP B 108 -13.11 -11.09 28.17
N THR B 109 -13.01 -10.57 26.95
CA THR B 109 -11.69 -10.40 26.30
C THR B 109 -11.20 -9.01 26.48
N SER B 110 -9.90 -8.86 26.30
CA SER B 110 -9.26 -7.55 26.34
C SER B 110 -8.50 -7.22 25.05
N PHE B 111 -8.69 -8.03 24.02
CA PHE B 111 -7.99 -7.85 22.77
C PHE B 111 -8.75 -8.52 21.64
N THR B 112 -9.02 -7.78 20.57
CA THR B 112 -9.63 -8.33 19.35
C THR B 112 -8.95 -7.74 18.17
N VAL B 113 -9.27 -8.30 17.02
CA VAL B 113 -8.74 -7.89 15.79
C VAL B 113 -9.84 -7.23 15.01
N ILE B 114 -9.38 -6.42 14.04
CA ILE B 114 -10.19 -5.67 13.12
C ILE B 114 -9.66 -5.98 11.73
N SER B 115 -10.46 -6.70 10.94
CA SER B 115 -10.00 -7.15 9.65
C SER B 115 -11.05 -6.92 8.58
N PRO B 116 -11.19 -5.70 8.09
CA PRO B 116 -12.26 -5.41 7.14
C PRO B 116 -12.05 -5.81 5.71
N ALA B 117 -10.83 -6.15 5.30
CA ALA B 117 -10.55 -6.39 3.87
C ALA B 117 -11.45 -7.47 3.17
N LEU B 118 -11.87 -7.19 1.94
CA LEU B 118 -12.41 -8.25 1.06
C LEU B 118 -11.74 -8.04 -0.29
N PRO B 119 -10.50 -8.54 -0.46
CA PRO B 119 -9.72 -8.24 -1.67
C PRO B 119 -10.46 -8.60 -2.94
N VAL B 120 -11.15 -9.73 -2.96
CA VAL B 120 -11.92 -10.08 -4.13
C VAL B 120 -12.90 -8.97 -4.59
N ASN B 121 -13.35 -8.07 -3.73
CA ASN B 121 -14.11 -6.89 -4.23
C ASN B 121 -13.40 -5.59 -4.06
N GLY B 122 -12.09 -5.66 -3.96
CA GLY B 122 -11.29 -4.47 -4.01
C GLY B 122 -11.20 -3.71 -2.73
N ARG B 123 -11.40 -4.35 -1.59
CA ARG B 123 -11.08 -3.64 -0.38
C ARG B 123 -9.90 -4.33 0.22
N THR B 124 -8.86 -3.55 0.41
CA THR B 124 -7.59 -4.08 0.86
C THR B 124 -7.07 -3.14 1.94
N VAL B 125 -6.18 -3.64 2.77
CA VAL B 125 -5.69 -2.87 3.89
C VAL B 125 -4.21 -3.09 3.88
N TYR B 126 -3.46 -2.00 3.86
CA TYR B 126 -2.00 -1.99 3.89
C TYR B 126 -1.50 -0.94 4.88
N GLN B 127 -0.63 -1.36 5.82
CA GLN B 127 -0.20 -0.58 6.97
C GLN B 127 -1.32 0.00 7.81
N GLY B 128 -2.48 -0.67 7.77
CA GLY B 128 -3.64 -0.19 8.49
C GLY B 128 -4.46 0.81 7.73
N TYR B 129 -4.06 1.15 6.53
CA TYR B 129 -4.84 2.08 5.74
C TYR B 129 -5.78 1.30 4.81
N LEU B 130 -6.99 1.82 4.64
CA LEU B 130 -8.02 1.07 3.95
C LEU B 130 -8.12 1.63 2.57
N PHE B 131 -8.09 0.73 1.59
CA PHE B 131 -8.13 1.06 0.20
C PHE B 131 -9.37 0.52 -0.41
N VAL B 132 -9.97 1.32 -1.27
CA VAL B 132 -11.14 0.91 -2.01
C VAL B 132 -10.77 0.95 -3.46
N MET B 133 -10.52 -0.22 -4.00
CA MET B 133 -9.90 -0.37 -5.29
C MET B 133 -8.57 0.31 -5.34
N ASN B 134 -8.44 1.29 -6.18
CA ASN B 134 -7.15 1.88 -6.46
C ASN B 134 -6.93 3.23 -5.72
N HIS B 135 -7.77 3.53 -4.73
CA HIS B 135 -7.68 4.75 -3.93
C HIS B 135 -7.78 4.47 -2.41
N LEU B 136 -7.14 5.31 -1.63
CA LEU B 136 -7.43 5.36 -0.21
C LEU B 136 -8.95 5.57 -0.05
N LEU B 137 -9.51 4.90 0.96
CA LEU B 137 -10.92 5.05 1.33
C LEU B 137 -11.37 6.53 1.22
N ALA B 138 -10.57 7.43 1.82
CA ALA B 138 -10.91 8.88 1.88
C ALA B 138 -10.83 9.58 0.51
N GLU B 139 -10.16 8.96 -0.44
CA GLU B 139 -10.10 9.48 -1.79
C GLU B 139 -11.02 8.69 -2.69
N SER B 140 -11.84 7.80 -2.17
CA SER B 140 -12.83 7.09 -3.00
C SER B 140 -14.17 7.80 -2.93
N GLY B 141 -15.18 7.22 -3.56
CA GLY B 141 -16.57 7.66 -3.44
C GLY B 141 -17.08 7.72 -2.02
N MET B 142 -16.54 6.84 -1.16
CA MET B 142 -16.88 6.84 0.25
C MET B 142 -16.69 8.19 0.92
N ARG B 143 -15.95 9.07 0.28
CA ARG B 143 -15.78 10.41 0.78
C ARG B 143 -17.05 11.23 0.80
N HIS B 144 -17.97 10.94 -0.11
CA HIS B 144 -19.19 11.72 -0.27
C HIS B 144 -20.39 10.85 0.03
N HIS B 145 -20.18 9.83 0.84
CA HIS B 145 -21.30 8.97 1.24
C HIS B 145 -22.30 9.82 2.01
N PRO B 146 -23.58 9.67 1.68
CA PRO B 146 -24.63 10.48 2.33
C PRO B 146 -24.83 10.19 3.79
N ILE B 147 -24.75 8.93 4.20
CA ILE B 147 -24.96 8.64 5.62
C ILE B 147 -23.64 8.80 6.39
N ASN B 148 -22.57 8.13 5.96
CA ASN B 148 -21.31 8.11 6.73
C ASN B 148 -20.09 8.38 5.84
N PRO B 149 -19.88 9.66 5.52
CA PRO B 149 -18.83 10.04 4.62
C PRO B 149 -17.50 9.85 5.30
N MET B 150 -16.55 9.22 4.62
CA MET B 150 -15.28 8.84 5.20
C MET B 150 -14.16 9.75 4.72
N THR B 151 -13.59 10.53 5.63
CA THR B 151 -12.57 11.49 5.22
C THR B 151 -11.17 11.24 5.84
N ASP B 152 -10.96 10.07 6.41
CA ASP B 152 -9.69 9.59 6.89
C ASP B 152 -9.66 8.12 6.47
N SER B 153 -8.48 7.59 6.15
CA SER B 153 -8.38 6.21 5.65
C SER B 153 -7.60 5.34 6.59
N TYR B 154 -7.14 5.88 7.68
CA TYR B 154 -6.25 5.16 8.55
C TYR B 154 -7.07 4.48 9.65
N LEU B 155 -7.26 3.18 9.54
CA LEU B 155 -8.21 2.47 10.41
C LEU B 155 -7.97 2.72 11.92
N PRO B 156 -6.74 2.69 12.36
CA PRO B 156 -6.58 2.90 13.80
C PRO B 156 -7.07 4.24 14.32
N ARG B 157 -7.09 5.26 13.50
CA ARG B 157 -7.62 6.53 13.90
C ARG B 157 -9.12 6.47 13.85
N LEU B 158 -9.68 5.96 12.78
CA LEU B 158 -11.12 5.77 12.68
C LEU B 158 -11.66 4.95 13.86
N MET B 159 -10.96 3.86 14.20
CA MET B 159 -11.38 3.09 15.36
C MET B 159 -11.24 3.91 16.60
N GLU B 160 -10.14 4.62 16.79
CA GLU B 160 -9.94 5.28 18.07
C GLU B 160 -10.95 6.40 18.32
N ALA B 161 -11.44 7.05 17.25
CA ALA B 161 -12.36 8.19 17.37
C ALA B 161 -13.67 7.72 17.98
N GLN B 162 -13.84 6.42 17.94
CA GLN B 162 -15.09 5.74 18.08
C GLN B 162 -15.08 4.75 19.25
N ALA B 163 -13.92 4.45 19.83
CA ALA B 163 -13.74 3.31 20.72
C ALA B 163 -12.98 3.77 21.95
N GLN B 164 -12.93 2.92 22.97
CA GLN B 164 -12.34 3.30 24.26
C GLN B 164 -10.81 3.11 24.33
N GLY B 165 -10.22 2.22 23.53
CA GLY B 165 -8.84 1.77 23.74
C GLY B 165 -7.93 2.14 22.59
N ARG B 166 -6.70 1.67 22.65
CA ARG B 166 -5.76 1.93 21.57
C ARG B 166 -5.81 0.85 20.52
N CYS B 167 -5.57 1.27 19.29
CA CYS B 167 -5.67 0.40 18.15
C CYS B 167 -4.34 0.37 17.41
N GLY B 168 -3.78 -0.83 17.19
CA GLY B 168 -2.51 -1.01 16.49
C GLY B 168 -2.63 -1.68 15.12
N VAL B 169 -1.51 -2.10 14.52
CA VAL B 169 -1.47 -2.68 13.15
C VAL B 169 -0.55 -3.90 13.04
N ILE B 170 -1.03 -4.97 12.42
CA ILE B 170 -0.19 -6.09 11.93
C ILE B 170 -0.11 -5.88 10.42
N PRO B 171 1.05 -5.50 9.92
CA PRO B 171 1.23 -5.24 8.50
C PRO B 171 1.38 -6.49 7.64
N ALA B 172 1.12 -6.32 6.34
CA ALA B 172 1.24 -7.36 5.30
C ALA B 172 2.56 -8.16 5.38
N GLN B 173 3.66 -7.45 5.59
CA GLN B 173 4.96 -8.07 5.69
C GLN B 173 5.06 -9.06 6.85
N THR B 174 4.45 -8.79 8.00
CA THR B 174 4.45 -9.79 9.09
C THR B 174 3.60 -10.99 8.73
N LEU B 175 2.46 -10.75 8.13
CA LEU B 175 1.64 -11.87 7.66
C LEU B 175 2.45 -12.82 6.77
N ASP B 176 3.26 -12.23 5.89
CA ASP B 176 4.01 -12.98 4.91
C ASP B 176 5.05 -13.83 5.60
N GLU B 177 5.60 -13.34 6.70
CA GLU B 177 6.49 -14.16 7.52
C GLU B 177 5.75 -15.33 8.16
N GLY B 178 4.44 -15.28 8.28
CA GLY B 178 3.66 -16.47 8.66
C GLY B 178 3.01 -16.52 10.05
N VAL B 179 2.43 -17.68 10.36
CA VAL B 179 1.62 -17.81 11.54
C VAL B 179 2.32 -17.39 12.84
N ALA B 180 3.51 -17.94 13.12
CA ALA B 180 4.21 -17.67 14.37
C ALA B 180 4.64 -16.21 14.48
N ALA B 181 5.05 -15.60 13.37
CA ALA B 181 5.46 -14.19 13.38
C ALA B 181 4.25 -13.32 13.72
N THR B 182 3.10 -13.68 13.14
CA THR B 182 1.87 -12.95 13.35
C THR B 182 1.41 -13.11 14.80
N ARG B 183 1.42 -14.35 15.27
CA ARG B 183 1.12 -14.65 16.68
C ARG B 183 1.98 -13.81 17.62
N ALA B 184 3.28 -13.84 17.37
CA ALA B 184 4.25 -13.06 18.11
C ALA B 184 3.83 -11.61 18.09
N ALA B 185 3.48 -11.13 16.91
CA ALA B 185 3.18 -9.71 16.70
C ALA B 185 1.94 -9.29 17.51
N LEU B 186 0.94 -10.17 17.51
CA LEU B 186 -0.27 -9.95 18.29
C LEU B 186 -0.02 -9.86 19.80
N SER B 187 0.82 -10.74 20.32
CA SER B 187 1.17 -10.70 21.75
C SER B 187 1.90 -9.44 22.11
N ARG B 188 2.79 -8.99 21.23
CA ARG B 188 3.56 -7.82 21.52
C ARG B 188 2.64 -6.58 21.59
N LEU B 189 1.62 -6.52 20.75
CA LEU B 189 0.74 -5.35 20.73
C LEU B 189 -0.05 -5.37 22.01
N GLN B 190 -0.43 -6.56 22.41
CA GLN B 190 -1.19 -6.75 23.62
C GLN B 190 -0.40 -6.32 24.85
N GLN B 191 0.82 -6.80 24.98
CA GLN B 191 1.75 -6.36 26.03
C GLN B 191 2.00 -4.88 25.98
N GLU B 192 2.15 -4.28 24.81
CA GLU B 192 2.35 -2.82 24.77
C GLU B 192 1.11 -2.02 25.15
N GLY B 193 -0.03 -2.67 25.39
CA GLY B 193 -1.26 -1.98 25.82
C GLY B 193 -2.35 -1.72 24.79
N TYR B 194 -2.26 -2.24 23.56
CA TYR B 194 -3.35 -2.09 22.61
C TYR B 194 -4.52 -3.00 22.94
N ARG B 195 -5.71 -2.58 22.56
CA ARG B 195 -6.93 -3.34 22.73
C ARG B 195 -7.43 -3.95 21.44
N TYR B 196 -7.02 -3.37 20.30
CA TYR B 196 -7.41 -3.89 19.00
C TYR B 196 -6.22 -3.86 18.08
N ALA B 197 -6.20 -4.78 17.12
CA ALA B 197 -5.19 -4.81 16.07
C ALA B 197 -5.89 -4.90 14.72
N VAL B 198 -5.55 -3.97 13.83
CA VAL B 198 -6.01 -4.01 12.46
C VAL B 198 -5.09 -4.96 11.68
N LEU B 199 -5.67 -5.90 10.95
CA LEU B 199 -4.90 -6.84 10.18
C LEU B 199 -4.92 -6.46 8.72
N ASP B 200 -3.73 -6.33 8.14
CA ASP B 200 -3.61 -6.10 6.69
C ASP B 200 -4.07 -7.30 5.89
N ALA B 201 -4.47 -7.04 4.66
CA ALA B 201 -4.80 -8.12 3.72
C ALA B 201 -4.82 -7.56 2.30
N LEU B 202 -3.96 -8.12 1.44
CA LEU B 202 -3.88 -7.69 0.06
C LEU B 202 -4.43 -8.74 -0.88
N ASN B 203 -4.73 -9.90 -0.32
CA ASN B 203 -5.09 -11.07 -1.11
C ASN B 203 -5.69 -12.16 -0.22
N GLU B 204 -6.27 -13.18 -0.84
CA GLU B 204 -6.81 -14.32 -0.13
C GLU B 204 -5.85 -14.96 0.82
N ARG B 205 -4.60 -15.07 0.45
CA ARG B 205 -3.69 -15.78 1.31
C ARG B 205 -3.56 -15.10 2.68
N HIS B 206 -3.41 -13.79 2.68
CA HIS B 206 -3.36 -13.08 3.94
C HIS B 206 -4.56 -13.42 4.84
N LEU B 207 -5.75 -13.41 4.27
CA LEU B 207 -6.95 -13.80 5.03
C LEU B 207 -6.86 -15.24 5.60
N GLU B 208 -6.28 -16.16 4.84
CA GLU B 208 -6.10 -17.54 5.32
C GLU B 208 -5.09 -17.62 6.44
N ILE B 209 -4.05 -16.81 6.38
CA ILE B 209 -3.09 -16.82 7.47
C ILE B 209 -3.75 -16.25 8.72
N GLN B 210 -4.56 -15.22 8.54
CA GLN B 210 -5.29 -14.63 9.64
C GLN B 210 -6.27 -15.66 10.17
N GLY B 211 -6.92 -16.38 9.26
CA GLY B 211 -7.84 -17.47 9.58
C GLY B 211 -7.22 -18.51 10.48
N GLU B 212 -6.01 -18.92 10.15
CA GLU B 212 -5.26 -19.86 10.96
C GLU B 212 -4.87 -19.27 12.33
N VAL B 213 -4.34 -18.06 12.35
CA VAL B 213 -3.89 -17.47 13.61
C VAL B 213 -5.06 -17.33 14.60
N LEU B 214 -6.26 -17.02 14.10
CA LEU B 214 -7.41 -16.69 14.93
C LEU B 214 -8.44 -17.84 15.10
N ARG B 215 -8.06 -19.05 14.71
CA ARG B 215 -8.91 -20.25 14.74
C ARG B 215 -9.83 -20.30 15.94
N ASP B 216 -9.19 -20.12 17.10
CA ASP B 216 -9.80 -20.31 18.40
C ASP B 216 -9.92 -19.00 19.18
N ALA B 217 -9.87 -17.84 18.52
CA ALA B 217 -10.08 -16.59 19.23
C ALA B 217 -11.57 -16.50 19.55
N PRO B 218 -11.93 -16.09 20.77
CA PRO B 218 -13.34 -15.98 21.17
C PRO B 218 -14.14 -14.87 20.48
N LEU B 219 -13.56 -13.70 20.29
CA LEU B 219 -14.20 -12.69 19.46
C LEU B 219 -13.27 -12.27 18.35
N VAL B 220 -13.85 -11.77 17.28
CA VAL B 220 -13.13 -11.44 16.07
C VAL B 220 -14.06 -10.51 15.32
N THR B 221 -13.52 -9.51 14.64
CA THR B 221 -14.37 -8.52 13.98
C THR B 221 -13.78 -8.18 12.65
N GLY B 222 -14.64 -7.94 11.67
CA GLY B 222 -14.21 -7.67 10.31
C GLY B 222 -15.32 -7.67 9.28
N GLY B 223 -14.92 -7.70 8.02
CA GLY B 223 -15.82 -7.84 6.88
C GLY B 223 -16.03 -9.32 6.64
N SER B 224 -16.29 -9.69 5.39
CA SER B 224 -16.54 -11.09 5.05
C SER B 224 -15.28 -11.89 4.79
N GLY B 225 -14.18 -11.21 4.50
CA GLY B 225 -12.95 -11.90 4.13
C GLY B 225 -12.36 -12.82 5.17
N LEU B 226 -12.18 -12.34 6.39
CA LEU B 226 -11.69 -13.16 7.49
C LEU B 226 -12.61 -14.33 7.75
N ALA B 227 -13.90 -14.14 7.54
CA ALA B 227 -14.84 -15.24 7.68
C ALA B 227 -14.46 -16.39 6.75
N MET B 228 -14.12 -16.06 5.52
CA MET B 228 -13.65 -17.09 4.60
C MET B 228 -12.46 -17.82 5.17
N GLY B 229 -11.46 -17.10 5.65
CA GLY B 229 -10.28 -17.75 6.17
C GLY B 229 -10.52 -18.60 7.40
N LEU B 230 -11.47 -18.20 8.25
CA LEU B 230 -11.82 -19.03 9.40
C LEU B 230 -12.52 -20.33 8.92
N ALA B 231 -13.53 -20.21 8.07
CA ALA B 231 -14.24 -21.35 7.54
C ALA B 231 -13.28 -22.44 7.03
N ARG B 232 -12.22 -22.02 6.35
CA ARG B 232 -11.28 -22.94 5.75
C ARG B 232 -10.43 -23.70 6.72
N GLN B 233 -10.33 -23.22 7.95
CA GLN B 233 -9.63 -23.97 8.97
C GLN B 233 -10.41 -25.16 9.49
N TRP B 234 -11.71 -25.21 9.19
CA TRP B 234 -12.60 -26.29 9.64
C TRP B 234 -13.01 -27.20 8.51
N ALA B 235 -13.07 -26.66 7.29
CA ALA B 235 -12.98 -27.49 6.08
C ALA B 235 -11.81 -28.48 6.34
N LYS B 236 -10.60 -27.89 6.43
CA LYS B 236 -9.39 -28.47 7.09
C LYS B 236 -9.67 -28.69 8.59
N SER B 244 -27.35 -30.03 -0.21
CA SER B 244 -27.35 -28.69 0.41
C SER B 244 -28.73 -28.32 0.98
N ALA B 245 -28.73 -27.78 2.20
CA ALA B 245 -29.96 -27.37 2.89
C ALA B 245 -30.62 -26.15 2.23
N GLY B 246 -29.84 -25.37 1.50
CA GLY B 246 -30.36 -24.20 0.83
C GLY B 246 -30.45 -24.38 -0.66
N TYR B 247 -30.78 -25.59 -1.11
CA TYR B 247 -31.01 -25.80 -2.54
C TYR B 247 -32.42 -25.30 -2.87
N PRO B 248 -32.62 -24.73 -4.06
CA PRO B 248 -33.90 -24.08 -4.26
C PRO B 248 -35.02 -25.12 -4.41
N LEU B 249 -36.21 -24.79 -3.95
CA LEU B 249 -37.34 -25.70 -4.03
C LEU B 249 -37.93 -25.67 -5.44
N SER B 250 -38.82 -26.60 -5.73
CA SER B 250 -39.51 -26.69 -7.03
C SER B 250 -40.82 -25.87 -7.08
N GLY B 251 -41.09 -25.31 -8.25
CA GLY B 251 -42.22 -24.40 -8.44
C GLY B 251 -41.71 -23.33 -9.38
N ARG B 252 -42.59 -22.50 -9.92
CA ARG B 252 -42.12 -21.55 -10.92
C ARG B 252 -41.55 -20.31 -10.26
N ALA B 253 -40.50 -19.82 -10.89
CA ALA B 253 -39.81 -18.63 -10.49
C ALA B 253 -40.60 -17.36 -10.83
N VAL B 254 -40.07 -16.23 -10.40
CA VAL B 254 -40.50 -14.92 -10.87
C VAL B 254 -39.30 -14.02 -10.60
N VAL B 255 -39.01 -13.07 -11.49
CA VAL B 255 -37.97 -12.11 -11.25
C VAL B 255 -38.61 -10.78 -10.86
N LEU B 256 -38.27 -10.29 -9.67
CA LEU B 256 -38.73 -8.99 -9.23
C LEU B 256 -37.53 -8.05 -9.15
N SER B 257 -37.43 -7.14 -10.11
CA SER B 257 -36.30 -6.23 -10.18
C SER B 257 -36.67 -4.82 -9.85
N GLY B 258 -35.96 -4.24 -8.88
CA GLY B 258 -36.17 -2.86 -8.43
C GLY B 258 -34.93 -2.00 -8.58
N SER B 259 -33.77 -2.61 -8.38
CA SER B 259 -32.46 -1.95 -8.51
C SER B 259 -32.34 -1.05 -9.76
N CYS B 260 -31.42 -0.10 -9.72
CA CYS B 260 -31.01 0.74 -10.89
C CYS B 260 -29.50 0.79 -11.08
N SER B 261 -28.79 -0.14 -10.43
CA SER B 261 -27.38 -0.38 -10.69
C SER B 261 -27.17 -0.44 -12.17
N GLN B 262 -25.99 -0.05 -12.61
CA GLN B 262 -25.70 -0.25 -14.01
C GLN B 262 -25.64 -1.73 -14.36
N MET B 263 -25.47 -2.60 -13.36
CA MET B 263 -25.41 -4.02 -13.61
C MET B 263 -26.81 -4.64 -13.64
N THR B 264 -27.72 -4.09 -12.85
CA THR B 264 -29.11 -4.54 -12.89
C THR B 264 -29.76 -4.11 -14.20
N ASN B 265 -29.48 -2.88 -14.63
CA ASN B 265 -29.94 -2.39 -15.93
C ASN B 265 -29.52 -3.34 -17.04
N GLN B 266 -28.32 -3.87 -16.94
CA GLN B 266 -27.87 -4.86 -17.93
C GLN B 266 -28.60 -6.19 -17.85
N GLN B 267 -28.76 -6.71 -16.63
CA GLN B 267 -29.36 -8.02 -16.42
C GLN B 267 -30.79 -8.03 -16.87
N VAL B 268 -31.46 -6.88 -16.75
CA VAL B 268 -32.83 -6.71 -17.24
C VAL B 268 -32.86 -6.62 -18.78
N ALA B 269 -31.97 -5.81 -19.35
CA ALA B 269 -31.85 -5.68 -20.80
C ALA B 269 -31.70 -7.09 -21.41
N PHE B 270 -30.74 -7.85 -20.87
CA PHE B 270 -30.51 -9.22 -21.27
C PHE B 270 -31.77 -10.09 -21.08
N TYR B 271 -32.22 -10.26 -19.86
CA TYR B 271 -33.29 -11.21 -19.58
C TYR B 271 -34.61 -10.87 -20.30
N ARG B 272 -34.73 -9.63 -20.75
CA ARG B 272 -35.99 -9.21 -21.38
C ARG B 272 -36.15 -9.93 -22.71
N GLN B 273 -35.03 -10.10 -23.41
CA GLN B 273 -34.97 -10.77 -24.68
C GLN B 273 -35.37 -12.23 -24.64
N HIS B 274 -35.07 -12.92 -23.53
CA HIS B 274 -35.35 -14.36 -23.37
C HIS B 274 -36.55 -14.68 -22.46
N ALA B 275 -37.37 -13.72 -22.07
CA ALA B 275 -38.53 -14.04 -21.21
C ALA B 275 -39.57 -12.93 -21.14
N PRO B 276 -40.82 -13.30 -20.84
CA PRO B 276 -41.90 -12.32 -20.80
C PRO B 276 -41.77 -11.38 -19.62
N THR B 277 -41.51 -10.12 -19.89
CA THR B 277 -41.35 -9.13 -18.83
C THR B 277 -42.48 -8.10 -18.86
N ARG B 278 -42.66 -7.41 -17.73
CA ARG B 278 -43.49 -6.22 -17.65
C ARG B 278 -42.80 -5.11 -16.93
N ASP B 279 -43.06 -3.89 -17.37
CA ASP B 279 -42.41 -2.69 -16.83
C ASP B 279 -43.36 -2.01 -15.89
N VAL B 280 -42.86 -1.63 -14.72
CA VAL B 280 -43.73 -1.08 -13.70
C VAL B 280 -44.07 0.37 -14.04
N ASP B 281 -45.35 0.67 -13.94
CA ASP B 281 -45.90 1.97 -14.24
C ASP B 281 -46.04 2.75 -12.94
N VAL B 282 -45.00 3.52 -12.61
CA VAL B 282 -44.97 4.25 -11.35
C VAL B 282 -46.30 4.91 -11.08
N ALA B 283 -46.75 5.73 -12.04
CA ALA B 283 -47.99 6.49 -11.93
C ALA B 283 -49.20 5.67 -11.48
N ARG B 284 -49.16 4.37 -11.68
CA ARG B 284 -50.28 3.56 -11.30
C ARG B 284 -50.15 3.09 -9.88
N CYS B 285 -49.16 3.60 -9.15
CA CYS B 285 -48.91 3.13 -7.80
C CYS B 285 -49.10 4.19 -6.73
N LEU B 286 -49.99 5.14 -6.95
CA LEU B 286 -50.10 6.24 -6.01
C LEU B 286 -51.38 6.16 -5.25
N SER B 287 -51.60 5.05 -4.58
CA SER B 287 -52.84 4.82 -3.91
C SER B 287 -52.91 3.38 -3.56
N SER B 288 -53.19 3.09 -2.31
CA SER B 288 -53.52 1.74 -1.93
C SER B 288 -54.43 1.27 -3.03
N GLU B 289 -55.32 2.18 -3.39
CA GLU B 289 -56.34 1.84 -4.38
C GLU B 289 -55.73 1.06 -5.55
N THR B 290 -55.40 1.81 -6.56
CA THR B 290 -54.79 1.24 -7.73
C THR B 290 -53.73 0.25 -7.30
N ARG B 291 -52.71 0.77 -6.64
CA ARG B 291 -51.65 -0.10 -6.23
C ARG B 291 -52.20 -1.49 -6.00
N GLU B 292 -53.38 -1.58 -5.44
CA GLU B 292 -53.98 -2.87 -5.20
C GLU B 292 -54.42 -3.58 -6.48
N ALA B 293 -55.01 -2.83 -7.38
CA ALA B 293 -55.51 -3.39 -8.63
C ALA B 293 -54.37 -3.90 -9.46
N TYR B 294 -53.42 -3.00 -9.69
CA TYR B 294 -52.20 -3.26 -10.46
C TYR B 294 -51.52 -4.55 -10.00
N ALA B 295 -51.30 -4.65 -8.70
CA ALA B 295 -50.73 -5.84 -8.10
C ALA B 295 -51.48 -7.08 -8.57
N GLU B 296 -52.80 -7.00 -8.54
CA GLU B 296 -53.63 -8.11 -8.97
C GLU B 296 -53.50 -8.39 -10.47
N ALA B 297 -53.56 -7.35 -11.29
CA ALA B 297 -53.26 -7.49 -12.71
C ALA B 297 -51.95 -8.24 -12.90
N LEU B 298 -50.89 -7.71 -12.30
CA LEU B 298 -49.56 -8.28 -12.46
C LEU B 298 -49.52 -9.71 -11.94
N ALA B 299 -50.24 -9.95 -10.85
CA ALA B 299 -50.41 -11.29 -10.33
C ALA B 299 -50.89 -12.23 -11.46
N GLN B 300 -52.09 -11.96 -11.99
CA GLN B 300 -52.66 -12.82 -13.03
C GLN B 300 -51.69 -12.96 -14.19
N TRP B 301 -51.20 -11.84 -14.71
CA TRP B 301 -50.28 -11.87 -15.83
C TRP B 301 -49.17 -12.88 -15.58
N VAL B 302 -48.56 -12.76 -14.40
CA VAL B 302 -47.45 -13.61 -14.02
C VAL B 302 -47.96 -15.04 -13.93
N LEU B 303 -48.79 -15.33 -12.94
CA LEU B 303 -49.13 -16.73 -12.64
C LEU B 303 -49.92 -17.46 -13.75
N SER B 304 -50.34 -16.73 -14.80
CA SER B 304 -50.98 -17.34 -15.98
C SER B 304 -50.02 -17.33 -17.17
N GLN B 305 -48.73 -17.14 -16.91
CA GLN B 305 -47.79 -17.08 -18.00
C GLN B 305 -47.55 -18.41 -18.65
N ASP B 306 -46.86 -18.33 -19.77
CA ASP B 306 -46.76 -19.42 -20.70
C ASP B 306 -45.40 -20.11 -20.53
N SER B 307 -44.34 -19.30 -20.64
CA SER B 307 -42.97 -19.77 -20.81
C SER B 307 -42.40 -20.62 -19.68
N GLU B 308 -41.20 -21.17 -19.92
CA GLU B 308 -40.44 -21.90 -18.90
C GLU B 308 -39.67 -20.95 -18.01
N LEU B 309 -38.65 -20.29 -18.57
CA LEU B 309 -37.88 -19.28 -17.82
C LEU B 309 -38.89 -18.27 -17.27
N ALA B 310 -38.60 -17.72 -16.09
CA ALA B 310 -39.62 -17.07 -15.27
C ALA B 310 -39.94 -15.66 -15.76
N PRO B 311 -41.22 -15.28 -15.70
CA PRO B 311 -41.58 -13.90 -16.06
C PRO B 311 -40.97 -12.85 -15.11
N MET B 312 -40.87 -11.61 -15.57
CA MET B 312 -40.21 -10.55 -14.83
C MET B 312 -41.13 -9.34 -14.65
N ILE B 313 -41.28 -8.87 -13.40
CA ILE B 313 -41.76 -7.52 -13.14
C ILE B 313 -40.52 -6.67 -12.85
N SER B 314 -40.21 -5.74 -13.75
CA SER B 314 -39.07 -4.86 -13.56
C SER B 314 -39.53 -3.43 -13.39
N ALA B 315 -39.00 -2.79 -12.34
CA ALA B 315 -39.10 -1.35 -12.14
C ALA B 315 -37.80 -0.68 -12.49
N THR B 316 -36.74 -1.44 -12.76
CA THR B 316 -35.43 -0.84 -13.01
C THR B 316 -35.45 0.17 -14.15
N ALA B 317 -34.51 1.10 -14.09
CA ALA B 317 -34.47 2.29 -14.91
C ALA B 317 -33.04 2.75 -14.91
N SER B 318 -32.63 3.40 -15.99
CA SER B 318 -31.29 3.96 -16.03
C SER B 318 -31.19 5.13 -15.04
N THR B 319 -29.95 5.48 -14.73
CA THR B 319 -29.63 6.68 -13.93
C THR B 319 -30.47 7.87 -14.44
N GLN B 320 -30.32 8.09 -15.76
CA GLN B 320 -31.10 9.03 -16.56
C GLN B 320 -32.63 8.94 -16.38
N ALA B 321 -33.17 7.75 -16.62
CA ALA B 321 -34.61 7.54 -16.59
C ALA B 321 -35.14 7.74 -15.17
N LEU B 322 -34.40 7.20 -14.20
CA LEU B 322 -34.70 7.33 -12.78
C LEU B 322 -34.78 8.81 -12.38
N ALA B 323 -33.77 9.57 -12.81
CA ALA B 323 -33.80 11.03 -12.77
C ALA B 323 -35.23 11.57 -13.02
N ALA B 324 -35.71 11.44 -14.27
CA ALA B 324 -37.02 11.95 -14.69
C ALA B 324 -38.18 11.53 -13.83
N ILE B 325 -38.16 10.28 -13.35
CA ILE B 325 -39.24 9.76 -12.49
C ILE B 325 -39.37 10.54 -11.21
N GLN B 326 -38.22 10.95 -10.67
CA GLN B 326 -38.19 11.68 -9.40
C GLN B 326 -38.70 13.09 -9.68
N GLN B 327 -38.06 13.76 -10.65
CA GLN B 327 -38.50 15.07 -11.15
C GLN B 327 -39.99 15.14 -11.48
N GLN B 328 -40.59 14.00 -11.84
CA GLN B 328 -42.00 13.98 -12.19
C GLN B 328 -42.86 13.59 -11.00
N TYR B 329 -42.36 12.70 -10.13
CA TYR B 329 -43.21 12.11 -9.06
C TYR B 329 -42.80 12.42 -7.64
N GLY B 330 -41.51 12.71 -7.44
CA GLY B 330 -40.93 12.82 -6.12
C GLY B 330 -40.16 11.57 -5.80
N ALA B 331 -38.83 11.71 -5.71
CA ALA B 331 -37.89 10.63 -5.37
C ALA B 331 -38.43 9.69 -4.30
N THR B 332 -38.60 10.24 -3.11
CA THR B 332 -38.95 9.47 -1.91
C THR B 332 -40.31 8.76 -2.08
N GLU B 333 -41.26 9.38 -2.80
CA GLU B 333 -42.64 8.82 -3.01
C GLU B 333 -42.70 7.76 -4.11
N ALA B 334 -41.81 7.89 -5.09
CA ALA B 334 -41.58 6.86 -6.10
C ALA B 334 -41.09 5.61 -5.39
N SER B 335 -39.89 5.68 -4.80
CA SER B 335 -39.41 4.61 -3.92
C SER B 335 -40.58 3.98 -3.18
N HIS B 336 -41.22 4.73 -2.28
CA HIS B 336 -42.35 4.17 -1.54
C HIS B 336 -43.33 3.46 -2.48
N ALA B 337 -43.79 4.15 -3.52
CA ALA B 337 -44.87 3.62 -4.38
C ALA B 337 -44.52 2.24 -4.99
N VAL B 338 -43.32 2.15 -5.58
CA VAL B 338 -42.82 0.89 -6.13
C VAL B 338 -42.69 -0.23 -5.07
N GLU B 339 -41.84 -0.03 -4.07
CA GLU B 339 -41.66 -1.07 -3.05
C GLU B 339 -43.03 -1.44 -2.41
N ALA B 340 -43.87 -0.42 -2.18
CA ALA B 340 -45.25 -0.61 -1.76
C ALA B 340 -45.94 -1.63 -2.65
N LEU B 341 -45.72 -1.50 -3.96
CA LEU B 341 -46.29 -2.42 -4.95
C LEU B 341 -45.70 -3.81 -4.87
N PHE B 342 -44.39 -3.91 -5.09
CA PHE B 342 -43.68 -5.17 -4.94
C PHE B 342 -44.11 -5.92 -3.66
N SER B 343 -44.42 -5.18 -2.61
CA SER B 343 -44.89 -5.78 -1.39
C SER B 343 -46.21 -6.49 -1.61
N LEU B 344 -47.21 -5.75 -2.06
CA LEU B 344 -48.51 -6.35 -2.35
C LEU B 344 -48.37 -7.50 -3.33
N LEU B 345 -47.53 -7.29 -4.33
CA LEU B 345 -47.31 -8.25 -5.39
C LEU B 345 -46.76 -9.58 -4.89
N ALA B 346 -45.69 -9.51 -4.10
CA ALA B 346 -45.00 -10.71 -3.65
C ALA B 346 -45.92 -11.62 -2.88
N ALA B 347 -46.70 -11.03 -1.97
CA ALA B 347 -47.72 -11.74 -1.18
C ALA B 347 -48.58 -12.66 -2.04
N ARG B 348 -49.10 -12.12 -3.14
CA ARG B 348 -50.00 -12.85 -4.02
C ARG B 348 -49.30 -13.93 -4.83
N LEU B 349 -48.22 -13.57 -5.51
CA LEU B 349 -47.47 -14.57 -6.28
C LEU B 349 -47.20 -15.81 -5.42
N ALA B 350 -46.94 -15.58 -4.13
CA ALA B 350 -46.73 -16.66 -3.17
C ALA B 350 -48.00 -17.48 -3.05
N GLU B 351 -49.07 -16.89 -2.52
CA GLU B 351 -50.34 -17.64 -2.32
C GLU B 351 -50.94 -18.21 -3.61
N GLY B 352 -50.75 -17.49 -4.74
CA GLY B 352 -51.06 -18.03 -6.05
C GLY B 352 -50.07 -19.11 -6.51
N GLY B 353 -49.07 -19.41 -5.68
CA GLY B 353 -48.22 -20.57 -5.88
C GLY B 353 -46.89 -20.38 -6.58
N ILE B 354 -46.30 -19.18 -6.53
CA ILE B 354 -44.92 -19.02 -6.99
C ILE B 354 -43.98 -19.45 -5.85
N THR B 355 -42.84 -20.05 -6.21
CA THR B 355 -41.94 -20.67 -5.23
C THR B 355 -40.55 -20.05 -5.15
N ARG B 356 -39.94 -19.83 -6.32
CA ARG B 356 -38.62 -19.29 -6.38
C ARG B 356 -38.73 -17.79 -6.68
N PHE B 357 -38.07 -16.96 -5.86
CA PHE B 357 -38.15 -15.50 -5.99
C PHE B 357 -36.78 -14.88 -6.16
N ILE B 358 -36.47 -14.52 -7.40
CA ILE B 358 -35.22 -13.92 -7.79
C ILE B 358 -35.41 -12.42 -7.74
N VAL B 359 -34.83 -11.74 -6.73
CA VAL B 359 -35.01 -10.29 -6.54
C VAL B 359 -33.74 -9.45 -6.75
N ALA B 360 -33.87 -8.34 -7.46
CA ALA B 360 -32.73 -7.45 -7.69
C ALA B 360 -32.97 -6.13 -6.96
N GLY B 361 -32.06 -5.79 -6.05
CA GLY B 361 -32.16 -4.56 -5.24
C GLY B 361 -32.28 -4.86 -3.77
N GLY B 362 -31.53 -4.13 -2.95
CA GLY B 362 -31.54 -4.30 -1.51
C GLY B 362 -32.92 -4.01 -0.92
N GLU B 363 -33.44 -2.82 -1.22
CA GLU B 363 -34.71 -2.40 -0.60
C GLU B 363 -35.87 -3.27 -1.12
N THR B 364 -35.75 -3.75 -2.38
CA THR B 364 -36.71 -4.69 -2.94
C THR B 364 -36.57 -6.04 -2.25
N SER B 365 -35.33 -6.53 -2.15
CA SER B 365 -35.04 -7.80 -1.46
C SER B 365 -35.57 -7.84 -0.03
N GLY B 366 -35.54 -6.71 0.65
CA GLY B 366 -36.08 -6.62 1.99
C GLY B 366 -37.60 -6.64 1.99
N VAL B 367 -38.20 -5.79 1.16
CA VAL B 367 -39.66 -5.71 1.07
C VAL B 367 -40.35 -7.06 0.81
N VAL B 368 -39.73 -7.86 -0.05
CA VAL B 368 -40.28 -9.16 -0.46
C VAL B 368 -40.21 -10.14 0.70
N THR B 369 -39.06 -10.10 1.37
CA THR B 369 -38.82 -10.86 2.58
C THR B 369 -39.88 -10.50 3.63
N GLN B 370 -40.05 -9.21 3.87
CA GLN B 370 -41.03 -8.74 4.85
C GLN B 370 -42.43 -9.19 4.43
N SER B 371 -42.88 -8.79 3.25
CA SER B 371 -44.25 -9.15 2.80
C SER B 371 -44.49 -10.65 2.83
N LEU B 372 -43.52 -11.47 2.42
CA LEU B 372 -43.66 -12.93 2.47
C LEU B 372 -43.59 -13.48 3.89
N GLY B 373 -43.18 -12.65 4.85
CA GLY B 373 -43.19 -13.03 6.27
C GLY B 373 -42.01 -13.89 6.69
N ILE B 374 -40.89 -13.75 5.98
CA ILE B 374 -39.72 -14.59 6.20
C ILE B 374 -38.95 -13.95 7.32
N THR B 375 -38.56 -14.79 8.28
CA THR B 375 -37.83 -14.37 9.46
C THR B 375 -36.37 -14.81 9.37
N GLY B 376 -36.11 -15.90 8.67
CA GLY B 376 -34.75 -16.37 8.46
C GLY B 376 -34.70 -17.39 7.34
N PHE B 377 -33.51 -17.88 7.04
CA PHE B 377 -33.36 -18.87 6.01
C PHE B 377 -32.08 -19.65 6.05
N HIS B 378 -32.08 -20.77 5.33
CA HIS B 378 -30.89 -21.56 5.08
C HIS B 378 -30.11 -21.01 3.90
N ILE B 379 -28.80 -21.07 3.97
CA ILE B 379 -28.01 -20.43 2.95
C ILE B 379 -27.60 -21.51 2.00
N GLY B 380 -27.99 -21.36 0.74
CA GLY B 380 -27.60 -22.30 -0.34
C GLY B 380 -26.37 -21.88 -1.11
N PRO B 381 -26.15 -22.50 -2.29
CA PRO B 381 -24.94 -22.15 -3.01
C PRO B 381 -25.15 -20.88 -3.82
N CYS B 382 -24.05 -20.33 -4.36
CA CYS B 382 -24.12 -19.11 -5.16
C CYS B 382 -24.65 -19.32 -6.53
N ILE B 383 -25.52 -18.42 -6.95
CA ILE B 383 -25.75 -18.24 -8.38
C ILE B 383 -24.45 -17.61 -8.88
N SER B 384 -23.96 -16.64 -8.13
CA SER B 384 -22.66 -16.13 -8.39
C SER B 384 -22.05 -15.44 -7.15
N PRO B 385 -20.69 -15.44 -7.10
CA PRO B 385 -19.98 -14.59 -6.14
C PRO B 385 -20.84 -13.40 -5.72
N GLY B 386 -21.17 -13.35 -4.43
CA GLY B 386 -21.97 -12.27 -3.84
C GLY B 386 -23.33 -12.78 -3.37
N VAL B 387 -23.98 -13.56 -4.25
CA VAL B 387 -25.43 -13.83 -4.18
C VAL B 387 -25.76 -15.32 -4.29
N PRO B 388 -26.27 -15.92 -3.19
CA PRO B 388 -26.69 -17.31 -3.14
C PRO B 388 -28.20 -17.54 -3.13
N TRP B 389 -28.59 -18.77 -3.48
CA TRP B 389 -29.93 -19.27 -3.20
C TRP B 389 -30.15 -19.50 -1.70
N VAL B 390 -31.36 -19.22 -1.23
CA VAL B 390 -31.68 -19.23 0.19
C VAL B 390 -33.08 -19.86 0.40
N ASN B 391 -33.27 -20.73 1.40
CA ASN B 391 -34.60 -21.35 1.65
C ASN B 391 -35.21 -20.85 2.95
N ALA B 392 -36.42 -20.28 2.91
CA ALA B 392 -37.05 -19.77 4.14
C ALA B 392 -37.18 -20.87 5.19
N LEU B 393 -37.21 -20.49 6.47
CA LEU B 393 -37.10 -21.47 7.54
C LEU B 393 -38.42 -22.15 7.80
N HIS B 394 -39.49 -21.40 7.59
CA HIS B 394 -40.82 -21.87 7.93
C HIS B 394 -41.69 -21.88 6.68
N ALA B 395 -41.81 -20.72 6.03
CA ALA B 395 -42.45 -20.66 4.72
C ALA B 395 -41.71 -21.57 3.73
N PRO B 396 -42.45 -22.33 2.90
CA PRO B 396 -41.77 -23.18 1.92
C PRO B 396 -41.44 -22.33 0.69
N VAL B 397 -40.36 -21.56 0.77
CA VAL B 397 -40.03 -20.59 -0.28
C VAL B 397 -38.52 -20.58 -0.49
N SER B 398 -38.12 -20.17 -1.69
CA SER B 398 -36.72 -19.99 -2.03
C SER B 398 -36.55 -18.56 -2.51
N LEU B 399 -35.38 -17.98 -2.23
CA LEU B 399 -35.07 -16.62 -2.59
C LEU B 399 -33.64 -16.58 -3.10
N ALA B 400 -33.42 -15.86 -4.19
CA ALA B 400 -32.08 -15.48 -4.63
C ALA B 400 -32.07 -13.97 -4.52
N LEU B 401 -31.28 -13.46 -3.61
CA LEU B 401 -31.39 -12.04 -3.25
C LEU B 401 -30.18 -11.26 -3.73
N LYS B 402 -30.39 -10.41 -4.73
CA LYS B 402 -29.30 -9.77 -5.48
C LYS B 402 -29.24 -8.30 -5.08
N SER B 403 -28.03 -7.82 -4.82
CA SER B 403 -27.84 -6.44 -4.37
C SER B 403 -26.89 -5.66 -5.28
N GLY B 404 -27.19 -4.37 -5.49
CA GLY B 404 -26.36 -3.46 -6.29
C GLY B 404 -25.75 -4.06 -7.56
N ASN B 405 -24.42 -4.11 -7.61
CA ASN B 405 -23.70 -4.45 -8.82
C ASN B 405 -23.19 -5.91 -8.89
N PHE B 406 -23.80 -6.81 -8.13
CA PHE B 406 -23.36 -8.22 -8.16
C PHE B 406 -23.86 -8.98 -9.37
N GLY B 407 -23.17 -10.07 -9.71
CA GLY B 407 -23.50 -10.90 -10.86
C GLY B 407 -22.96 -10.37 -12.19
N ASP B 408 -22.99 -11.25 -13.20
CA ASP B 408 -22.82 -10.87 -14.61
C ASP B 408 -24.22 -10.76 -15.26
N GLU B 409 -24.27 -10.35 -16.53
CA GLU B 409 -25.55 -9.98 -17.16
C GLU B 409 -26.54 -11.12 -17.19
N SER B 410 -26.05 -12.34 -17.36
CA SER B 410 -26.92 -13.52 -17.47
C SER B 410 -27.46 -14.01 -16.13
N PHE B 411 -27.30 -13.19 -15.09
CA PHE B 411 -27.62 -13.60 -13.72
C PHE B 411 -28.99 -14.25 -13.67
N PHE B 412 -30.01 -13.53 -14.12
CA PHE B 412 -31.40 -14.03 -14.02
C PHE B 412 -31.62 -15.39 -14.71
N ILE B 413 -30.88 -15.68 -15.76
CA ILE B 413 -31.03 -17.00 -16.40
C ILE B 413 -30.27 -18.02 -15.59
N ARG B 414 -29.00 -17.72 -15.31
CA ARG B 414 -28.16 -18.68 -14.60
C ARG B 414 -28.76 -19.10 -13.27
N ALA B 415 -29.40 -18.16 -12.57
CA ALA B 415 -30.16 -18.44 -11.36
C ALA B 415 -31.16 -19.58 -11.55
N GLN B 416 -31.72 -19.67 -12.74
CA GLN B 416 -32.65 -20.75 -13.04
C GLN B 416 -31.92 -21.93 -13.63
N ARG B 417 -31.07 -21.64 -14.60
CA ARG B 417 -30.51 -22.69 -15.44
C ARG B 417 -29.50 -23.56 -14.74
N GLU B 418 -28.59 -22.99 -13.96
CA GLU B 418 -27.65 -23.84 -13.25
C GLU B 418 -28.18 -24.37 -11.91
N PHE B 419 -29.50 -24.58 -11.77
CA PHE B 419 -30.02 -25.02 -10.48
C PHE B 419 -31.15 -26.03 -10.44
N GLN B 420 -32.10 -26.03 -11.37
CA GLN B 420 -33.15 -27.05 -11.29
C GLN B 420 -32.63 -28.42 -11.68
#